data_7RN5
#
_entry.id   7RN5
#
_cell.length_a   171.115
_cell.length_b   171.115
_cell.length_c   69.184
_cell.angle_alpha   90
_cell.angle_beta   90
_cell.angle_gamma   120
#
_symmetry.space_group_name_H-M   'P 61'
#
loop_
_entity.id
_entity.type
_entity.pdbx_description
1 polymer 'Protein farnesyltransferase/geranylgeranyltransferase type-1 subunit alpha'
2 polymer 'Protein farnesyltransferase subunit beta'
3 non-polymer 'ACETYL GROUP'
4 non-polymer [4-[[3-(2,2-dimethylpropyl)-1~{H}-benzimidazol-2-yl]methyl]piperazin-1-yl]-(1,3,5-trimethylpyrazol-4-yl)methanone
5 non-polymer 'ZINC ION'
6 non-polymer 'MAGNESIUM ION'
7 non-polymer PYROPHOSPHATE
8 water water
#
loop_
_entity_poly.entity_id
_entity_poly.type
_entity_poly.pdbx_seq_one_letter_code
_entity_poly.pdbx_strand_id
1 'polypeptide(L)'
;MAATEGVGESAPGGEPGQPEQPPPPPPPPPAQQPQEEEMAAEAGEAAASPMDDGFLSLDSPTYVLYRDRAEWADIDPVPQ
NDGPSPVVQIIYSEKFRDVYDYFRAVLQRDERSERAFKLTRDAIELNAANYTVWHFRRVLLRSLQKDLQEEMNYITAIIE
EQPKNYQVWHHRRVLVEWLKDPSQELEFIADILNQDAKNYHAWQHRQWVIQEFRLWDNELQYVDQLLKEDVRNNSVWNQR
HFVISNTTGYSDRAVLEREVQYTLEMIKLVPHNESAWNYLKGILQDRGLSRYPNLLNQLLDLQPSHSSPYLIAFLVDIYE
DMLENQCDNKEDILNKALELCEILAKEKDTIRKEYWRYIGRSLQSKHSRESDIPASV
;
A
2 'polypeptide(L)'
;MASSSSFTYYCPPSSSPVWSEPLYSLRPEHARERLQDDSVETVTSIEQAKVEEKIQEVFSSYKFNHLVPRLVLQREKHFH
YLKRGLRQLTDAYECLDASRPWLCYWILHSLELLDEPIPQIVATDVCQFLELCQSPDGGFGGGPGQYPHLAPTYAAVNAL
CIIGTEEAYNVINREKLLQYLYSLKQPDGSFLMHVGGEVDVRSAYCAASVASLTNIITPDLFEGTAEWIARCQNWEGGIG
GVPGMEAHGGYTFCGLAALVILKKERSLNLKSLLQWVTSRQMRFEGGFQGRCNKLVDGCYSFWQAGLLPLLHRALHAQGD
PALSMSHWMFHQQALQEYILMCCQCPAGGLLDKPGKSRDFYHTCYCLSGLSIAQHFGSGAMLHDVVMGVPENVLQPTHPV
YNIGPDKVIQATTHFLQKPVPGFEECEDAVTSDPATD
;
B
#
loop_
_chem_comp.id
_chem_comp.type
_chem_comp.name
_chem_comp.formula
60I non-polymer [4-[[3-(2,2-dimethylpropyl)-1~{H}-benzimidazol-2-yl]methyl]piperazin-1-yl]-(1,3,5-trimethylpyrazol-4-yl)methanone 'C24 H34 N6 O'
ACE non-polymer 'ACETYL GROUP' 'C2 H4 O'
MG non-polymer 'MAGNESIUM ION' 'Mg 2'
PPV non-polymer PYROPHOSPHATE 'H4 O7 P2'
ZN non-polymer 'ZINC ION' 'Zn 2'
#
# COMPACT_ATOMS: atom_id res chain seq x y z
N LEU A 56 3.22 29.92 23.18
CA LEU A 56 2.31 30.41 22.14
C LEU A 56 1.94 29.30 21.16
N SER A 57 0.66 28.93 21.11
CA SER A 57 0.20 27.89 20.18
C SER A 57 0.22 28.41 18.73
N LEU A 58 0.48 27.52 17.78
CA LEU A 58 0.50 27.87 16.37
C LEU A 58 -0.85 28.41 15.89
N ASP A 59 -1.97 27.99 16.48
CA ASP A 59 -3.32 28.43 16.08
C ASP A 59 -3.95 29.49 17.01
N SER A 60 -3.18 29.97 17.99
CA SER A 60 -3.61 31.01 18.94
C SER A 60 -3.97 32.31 18.17
N PRO A 61 -5.03 33.04 18.53
CA PRO A 61 -5.31 34.32 17.83
C PRO A 61 -4.18 35.36 17.99
N THR A 62 -3.33 35.25 19.04
CA THR A 62 -2.21 36.19 19.25
C THR A 62 -0.85 35.60 18.85
N TYR A 63 -0.83 34.59 17.95
CA TYR A 63 0.42 34.02 17.46
C TYR A 63 1.14 35.11 16.63
N VAL A 64 2.44 35.26 16.84
CA VAL A 64 3.23 36.26 16.12
C VAL A 64 4.30 35.53 15.29
N LEU A 65 4.67 36.05 14.11
CA LEU A 65 5.74 35.42 13.31
C LEU A 65 7.06 35.48 14.12
N TYR A 66 7.93 34.50 13.95
CA TYR A 66 9.22 34.49 14.61
C TYR A 66 10.06 35.72 14.27
N ARG A 67 9.94 36.26 13.05
CA ARG A 67 10.69 37.48 12.68
C ARG A 67 10.25 38.73 13.47
N ASP A 68 9.06 38.70 14.07
CA ASP A 68 8.56 39.80 14.89
C ASP A 68 8.71 39.50 16.40
N ARG A 69 9.41 38.42 16.80
CA ARG A 69 9.62 38.07 18.21
C ARG A 69 10.97 38.58 18.71
N ALA A 70 10.97 39.30 19.84
CA ALA A 70 12.18 39.90 20.44
C ALA A 70 13.25 38.88 20.82
N GLU A 71 12.84 37.74 21.40
CA GLU A 71 13.77 36.70 21.83
C GLU A 71 14.43 35.93 20.68
N TRP A 72 14.05 36.19 19.42
CA TRP A 72 14.60 35.56 18.22
C TRP A 72 15.41 36.56 17.35
N ALA A 73 15.43 37.87 17.70
CA ALA A 73 16.11 38.94 16.95
C ALA A 73 17.61 38.74 16.69
N ASP A 74 18.29 37.85 17.45
CA ASP A 74 19.73 37.62 17.27
C ASP A 74 20.07 36.66 16.13
N ILE A 75 19.14 35.78 15.73
CA ILE A 75 19.43 34.81 14.67
C ILE A 75 18.84 35.26 13.33
N ASP A 76 19.58 34.97 12.24
CA ASP A 76 19.15 35.31 10.87
C ASP A 76 18.36 34.14 10.30
N PRO A 77 17.15 34.35 9.75
CA PRO A 77 16.45 33.22 9.10
C PRO A 77 17.24 32.72 7.88
N VAL A 78 17.24 31.41 7.63
CA VAL A 78 17.95 30.84 6.49
C VAL A 78 16.90 30.39 5.46
N PRO A 79 16.81 31.05 4.29
CA PRO A 79 15.80 30.65 3.31
C PRO A 79 16.11 29.32 2.62
N GLN A 80 15.09 28.68 2.08
CA GLN A 80 15.25 27.41 1.39
C GLN A 80 15.86 27.66 0.01
N ASN A 81 16.79 26.78 -0.39
CA ASN A 81 17.45 26.87 -1.69
C ASN A 81 16.76 25.92 -2.65
N ASP A 82 15.81 26.42 -3.46
CA ASP A 82 15.11 25.58 -4.45
C ASP A 82 15.76 25.61 -5.85
N GLY A 83 16.80 26.43 -6.05
CA GLY A 83 17.49 26.57 -7.33
C GLY A 83 16.97 27.76 -8.12
N PRO A 84 17.64 28.12 -9.23
CA PRO A 84 17.18 29.28 -10.03
C PRO A 84 15.97 29.01 -10.92
N SER A 85 15.73 27.73 -11.27
CA SER A 85 14.61 27.30 -12.10
C SER A 85 13.91 26.21 -11.29
N PRO A 86 13.11 26.59 -10.29
CA PRO A 86 12.54 25.60 -9.39
C PRO A 86 11.43 24.71 -9.97
N VAL A 87 11.30 23.50 -9.41
CA VAL A 87 10.29 22.53 -9.81
C VAL A 87 9.53 22.09 -8.57
N VAL A 88 8.26 21.65 -8.74
CA VAL A 88 7.33 21.23 -7.68
C VAL A 88 7.43 22.19 -6.45
N GLN A 89 7.50 23.50 -6.74
CA GLN A 89 7.69 24.56 -5.77
C GLN A 89 6.38 24.90 -5.07
N ILE A 90 6.35 24.75 -3.75
CA ILE A 90 5.17 25.05 -2.96
C ILE A 90 5.19 26.52 -2.59
N ILE A 91 4.13 27.25 -2.93
CA ILE A 91 4.03 28.66 -2.59
C ILE A 91 3.55 28.67 -1.15
N TYR A 92 4.51 28.58 -0.22
CA TYR A 92 4.23 28.52 1.21
C TYR A 92 3.54 29.78 1.67
N SER A 93 2.68 29.64 2.67
CA SER A 93 2.09 30.80 3.34
C SER A 93 3.21 31.45 4.18
N GLU A 94 3.01 32.72 4.55
CA GLU A 94 3.97 33.50 5.35
C GLU A 94 4.31 32.77 6.67
N LYS A 95 3.29 32.24 7.35
CA LYS A 95 3.45 31.51 8.62
C LYS A 95 4.36 30.26 8.49
N PHE A 96 4.13 29.43 7.46
CA PHE A 96 4.92 28.21 7.23
C PHE A 96 6.39 28.56 6.89
N ARG A 97 6.57 29.46 5.92
CA ARG A 97 7.88 29.94 5.45
C ARG A 97 8.67 30.56 6.61
N ASP A 98 8.02 31.35 7.47
CA ASP A 98 8.67 31.98 8.61
C ASP A 98 9.20 30.92 9.61
N VAL A 99 8.37 29.94 10.00
CA VAL A 99 8.80 28.88 10.91
C VAL A 99 9.96 28.07 10.31
N TYR A 100 9.81 27.61 9.06
CA TYR A 100 10.82 26.77 8.44
C TYR A 100 12.12 27.52 8.11
N ASP A 101 12.08 28.85 7.88
CA ASP A 101 13.33 29.61 7.68
C ASP A 101 14.08 29.71 9.02
N TYR A 102 13.36 29.85 10.15
CA TYR A 102 14.00 29.88 11.47
C TYR A 102 14.42 28.47 11.91
N PHE A 103 13.69 27.40 11.53
CA PHE A 103 14.09 26.02 11.87
C PHE A 103 15.40 25.70 11.16
N ARG A 104 15.50 26.08 9.89
CA ARG A 104 16.69 25.87 9.08
C ARG A 104 17.92 26.57 9.73
N ALA A 105 17.72 27.75 10.34
CA ALA A 105 18.77 28.47 11.06
C ALA A 105 19.23 27.74 12.33
N VAL A 106 18.32 27.26 13.19
CA VAL A 106 18.71 26.54 14.42
C VAL A 106 19.33 25.16 14.09
N LEU A 107 18.89 24.53 13.00
CA LEU A 107 19.43 23.23 12.60
C LEU A 107 20.82 23.37 12.01
N GLN A 108 21.05 24.36 11.13
CA GLN A 108 22.37 24.57 10.52
C GLN A 108 23.46 24.84 11.56
N ARG A 109 23.14 25.57 12.65
CA ARG A 109 24.11 25.81 13.71
C ARG A 109 24.00 24.82 14.89
N ASP A 110 23.09 23.83 14.83
CA ASP A 110 22.88 22.83 15.87
C ASP A 110 22.63 23.50 17.25
N GLU A 111 21.74 24.50 17.27
CA GLU A 111 21.42 25.19 18.52
C GLU A 111 20.55 24.27 19.36
N ARG A 112 21.12 23.73 20.44
CA ARG A 112 20.41 22.82 21.33
C ARG A 112 19.88 23.61 22.50
N SER A 113 18.84 24.40 22.25
CA SER A 113 18.24 25.31 23.22
C SER A 113 16.73 25.07 23.41
N GLU A 114 16.17 25.67 24.47
CA GLU A 114 14.76 25.57 24.80
C GLU A 114 13.90 26.25 23.71
N ARG A 115 14.33 27.41 23.19
CA ARG A 115 13.56 28.09 22.14
C ARG A 115 13.48 27.24 20.87
N ALA A 116 14.57 26.55 20.50
CA ALA A 116 14.58 25.67 19.34
C ALA A 116 13.64 24.48 19.55
N PHE A 117 13.55 23.96 20.78
CA PHE A 117 12.65 22.87 21.11
C PHE A 117 11.19 23.31 20.91
N LYS A 118 10.83 24.51 21.39
CA LYS A 118 9.47 25.03 21.19
C LYS A 118 9.20 25.29 19.70
N LEU A 119 10.21 25.75 18.94
CA LEU A 119 10.10 25.98 17.48
C LEU A 119 9.79 24.66 16.72
N THR A 120 10.41 23.52 17.12
CA THR A 120 10.12 22.23 16.45
C THR A 120 8.63 21.85 16.58
N ARG A 121 7.98 22.25 17.67
CA ARG A 121 6.56 21.96 17.87
C ARG A 121 5.74 22.65 16.78
N ASP A 122 6.10 23.91 16.44
CA ASP A 122 5.42 24.66 15.38
C ASP A 122 5.70 24.07 14.01
N ALA A 123 6.95 23.68 13.75
CA ALA A 123 7.34 23.06 12.48
C ALA A 123 6.63 21.74 12.26
N ILE A 124 6.45 20.96 13.33
CA ILE A 124 5.74 19.70 13.27
C ILE A 124 4.25 19.97 13.00
N GLU A 125 3.62 20.93 13.67
CA GLU A 125 2.20 21.18 13.44
C GLU A 125 1.93 21.62 11.99
N LEU A 126 2.88 22.32 11.33
CA LEU A 126 2.73 22.73 9.93
C LEU A 126 2.90 21.55 8.98
N ASN A 127 3.82 20.64 9.26
CA ASN A 127 4.01 19.44 8.43
C ASN A 127 4.50 18.33 9.33
N ALA A 128 3.57 17.53 9.88
CA ALA A 128 3.92 16.41 10.76
C ALA A 128 4.71 15.29 10.08
N ALA A 129 4.77 15.28 8.73
CA ALA A 129 5.57 14.30 8.00
C ALA A 129 7.02 14.74 7.81
N ASN A 130 7.45 15.91 8.34
CA ASN A 130 8.83 16.32 8.18
C ASN A 130 9.67 15.54 9.22
N TYR A 131 10.18 14.37 8.80
CA TYR A 131 10.99 13.49 9.63
C TYR A 131 12.31 14.15 10.07
N THR A 132 12.83 15.16 9.33
CA THR A 132 14.04 15.87 9.74
C THR A 132 13.77 16.67 11.03
N VAL A 133 12.59 17.28 11.13
CA VAL A 133 12.23 18.06 12.31
C VAL A 133 12.04 17.10 13.48
N TRP A 134 11.36 15.94 13.26
CA TRP A 134 11.18 14.94 14.32
C TRP A 134 12.52 14.47 14.90
N HIS A 135 13.53 14.20 14.04
CA HIS A 135 14.86 13.78 14.50
C HIS A 135 15.48 14.85 15.40
N PHE A 136 15.49 16.12 14.96
CA PHE A 136 16.05 17.20 15.74
C PHE A 136 15.29 17.37 17.07
N ARG A 137 13.96 17.14 17.08
CA ARG A 137 13.19 17.21 18.33
C ARG A 137 13.68 16.15 19.32
N ARG A 138 13.95 14.92 18.85
CA ARG A 138 14.45 13.87 19.73
C ARG A 138 15.86 14.19 20.25
N VAL A 139 16.72 14.83 19.43
CA VAL A 139 18.05 15.27 19.86
C VAL A 139 17.88 16.27 21.03
N LEU A 140 16.97 17.24 20.88
CA LEU A 140 16.71 18.24 21.90
C LEU A 140 16.06 17.63 23.16
N LEU A 141 15.18 16.62 23.04
CA LEU A 141 14.57 15.95 24.21
C LEU A 141 15.66 15.38 25.14
N ARG A 142 16.67 14.73 24.56
CA ARG A 142 17.77 14.14 25.32
C ARG A 142 18.80 15.19 25.77
N SER A 143 19.25 16.11 24.87
CA SER A 143 20.23 17.13 25.27
C SER A 143 19.72 18.05 26.38
N LEU A 144 18.44 18.47 26.29
CA LEU A 144 17.86 19.38 27.29
C LEU A 144 17.27 18.64 28.50
N GLN A 145 17.26 17.31 28.52
CA GLN A 145 16.70 16.52 29.62
C GLN A 145 15.24 16.90 29.87
N LYS A 146 14.45 16.89 28.79
CA LYS A 146 13.05 17.25 28.87
C LYS A 146 12.29 16.12 29.56
N ASP A 147 11.29 16.49 30.39
CA ASP A 147 10.41 15.52 31.04
C ASP A 147 9.66 14.73 29.92
N LEU A 148 9.98 13.45 29.78
CA LEU A 148 9.41 12.62 28.71
C LEU A 148 7.94 12.26 28.95
N GLN A 149 7.41 12.43 30.18
CA GLN A 149 6.00 12.19 30.42
C GLN A 149 5.18 13.39 29.89
N GLU A 150 5.73 14.63 29.99
CA GLU A 150 5.13 15.81 29.37
C GLU A 150 5.12 15.61 27.82
N GLU A 151 6.20 14.99 27.27
CA GLU A 151 6.28 14.68 25.84
C GLU A 151 5.27 13.58 25.47
N MET A 152 4.98 12.62 26.38
CA MET A 152 3.94 11.62 26.14
C MET A 152 2.57 12.30 26.06
N ASN A 153 2.31 13.34 26.92
CA ASN A 153 1.06 14.09 26.87
C ASN A 153 0.91 14.79 25.52
N TYR A 154 1.99 15.43 25.04
CA TYR A 154 2.02 16.09 23.75
C TYR A 154 1.79 15.09 22.58
N ILE A 155 2.54 13.98 22.51
CA ILE A 155 2.37 13.02 21.44
C ILE A 155 0.96 12.40 21.46
N THR A 156 0.37 12.22 22.65
CA THR A 156 -1.01 11.73 22.77
C THR A 156 -1.98 12.68 22.01
N ALA A 157 -1.82 14.00 22.22
CA ALA A 157 -2.68 15.00 21.60
C ALA A 157 -2.49 15.07 20.08
N ILE A 158 -1.25 15.00 19.57
CA ILE A 158 -1.02 15.12 18.13
C ILE A 158 -1.44 13.84 17.39
N ILE A 159 -1.32 12.65 18.02
CA ILE A 159 -1.80 11.42 17.39
C ILE A 159 -3.34 11.49 17.31
N GLU A 160 -4.03 12.00 18.36
CA GLU A 160 -5.49 12.18 18.31
C GLU A 160 -5.90 13.05 17.10
N GLU A 161 -5.12 14.10 16.78
CA GLU A 161 -5.35 14.99 15.64
C GLU A 161 -4.96 14.38 14.27
N GLN A 162 -3.83 13.66 14.18
CA GLN A 162 -3.35 13.09 12.91
C GLN A 162 -3.03 11.60 13.09
N PRO A 163 -4.05 10.76 13.32
CA PRO A 163 -3.78 9.34 13.59
C PRO A 163 -3.21 8.53 12.42
N LYS A 164 -3.29 9.04 11.17
CA LYS A 164 -2.74 8.30 10.02
C LYS A 164 -1.33 8.75 9.64
N ASN A 165 -0.67 9.61 10.43
CA ASN A 165 0.69 10.04 10.12
C ASN A 165 1.67 8.97 10.69
N TYR A 166 2.73 8.62 9.97
CA TYR A 166 3.70 7.62 10.41
C TYR A 166 4.62 8.14 11.52
N GLN A 167 5.13 9.37 11.36
CA GLN A 167 6.12 9.97 12.24
C GLN A 167 5.65 10.06 13.71
N VAL A 168 4.38 10.42 13.93
CA VAL A 168 3.83 10.54 15.27
C VAL A 168 3.85 9.20 16.04
N TRP A 169 3.50 8.10 15.36
CA TRP A 169 3.51 6.76 15.96
C TRP A 169 4.95 6.30 16.26
N HIS A 170 5.91 6.56 15.34
CA HIS A 170 7.29 6.20 15.59
C HIS A 170 7.83 6.97 16.81
N HIS A 171 7.48 8.27 16.92
CA HIS A 171 7.91 9.07 18.06
C HIS A 171 7.38 8.49 19.38
N ARG A 172 6.10 8.07 19.40
CA ARG A 172 5.52 7.46 20.59
C ARG A 172 6.29 6.20 21.01
N ARG A 173 6.65 5.33 20.05
N ARG A 173 6.64 5.35 20.04
CA ARG A 173 7.41 4.11 20.37
CA ARG A 173 7.40 4.11 20.27
C ARG A 173 8.77 4.43 20.96
C ARG A 173 8.76 4.42 20.92
N VAL A 174 9.46 5.46 20.44
CA VAL A 174 10.77 5.86 21.00
C VAL A 174 10.59 6.31 22.46
N LEU A 175 9.51 7.08 22.74
CA LEU A 175 9.25 7.55 24.10
C LEU A 175 8.99 6.38 25.03
N VAL A 176 8.18 5.40 24.57
CA VAL A 176 7.88 4.21 25.37
C VAL A 176 9.16 3.39 25.62
N GLU A 177 10.02 3.22 24.60
CA GLU A 177 11.28 2.50 24.75
C GLU A 177 12.18 3.21 25.76
N TRP A 178 12.31 4.56 25.65
CA TRP A 178 13.13 5.42 26.54
C TRP A 178 12.66 5.35 27.98
N LEU A 179 11.35 5.42 28.20
CA LEU A 179 10.80 5.37 29.56
C LEU A 179 10.61 3.94 30.05
N LYS A 180 10.70 2.91 29.18
CA LYS A 180 10.47 1.51 29.54
C LYS A 180 9.10 1.35 30.23
N ASP A 181 8.11 2.16 29.81
CA ASP A 181 6.79 2.19 30.45
C ASP A 181 5.67 2.03 29.42
N PRO A 182 5.06 0.84 29.35
CA PRO A 182 3.93 0.62 28.43
C PRO A 182 2.56 0.76 29.13
N SER A 183 2.51 1.25 30.40
CA SER A 183 1.28 1.26 31.21
C SER A 183 0.12 2.07 30.63
N GLN A 184 0.36 3.09 29.81
CA GLN A 184 -0.73 3.88 29.19
C GLN A 184 -1.11 3.42 27.78
N GLU A 185 -0.35 2.52 27.16
CA GLU A 185 -0.50 2.19 25.75
C GLU A 185 -1.79 1.49 25.30
N LEU A 186 -2.21 0.41 25.98
CA LEU A 186 -3.38 -0.32 25.54
C LEU A 186 -4.64 0.52 25.60
N GLU A 187 -4.76 1.36 26.65
CA GLU A 187 -5.90 2.26 26.82
C GLU A 187 -5.84 3.38 25.79
N PHE A 188 -4.66 3.98 25.54
CA PHE A 188 -4.53 5.02 24.52
C PHE A 188 -4.91 4.48 23.13
N ILE A 189 -4.39 3.29 22.76
CA ILE A 189 -4.66 2.69 21.45
C ILE A 189 -6.15 2.34 21.34
N ALA A 190 -6.76 1.79 22.41
CA ALA A 190 -8.20 1.50 22.39
C ALA A 190 -9.03 2.79 22.12
N ASP A 191 -8.56 3.98 22.58
CA ASP A 191 -9.26 5.25 22.32
C ASP A 191 -9.14 5.64 20.83
N ILE A 192 -7.99 5.41 20.20
CA ILE A 192 -7.81 5.70 18.76
C ILE A 192 -8.67 4.72 17.94
N LEU A 193 -8.65 3.41 18.32
CA LEU A 193 -9.48 2.39 17.65
C LEU A 193 -10.96 2.60 17.89
N ASN A 194 -11.35 3.30 18.97
CA ASN A 194 -12.75 3.64 19.18
C ASN A 194 -13.25 4.67 18.12
N GLN A 195 -12.32 5.44 17.49
CA GLN A 195 -12.63 6.45 16.48
C GLN A 195 -12.46 5.87 15.07
N ASP A 196 -11.42 5.06 14.85
CA ASP A 196 -11.19 4.35 13.58
C ASP A 196 -10.67 2.94 13.96
N ALA A 197 -11.57 1.96 13.97
CA ALA A 197 -11.25 0.58 14.37
C ALA A 197 -10.34 -0.20 13.41
N LYS A 198 -10.00 0.39 12.26
CA LYS A 198 -9.14 -0.25 11.27
C LYS A 198 -7.83 0.53 11.03
N ASN A 199 -7.50 1.52 11.86
CA ASN A 199 -6.26 2.29 11.70
C ASN A 199 -5.04 1.36 11.74
N TYR A 200 -4.34 1.23 10.60
CA TYR A 200 -3.21 0.32 10.46
C TYR A 200 -2.07 0.65 11.44
N HIS A 201 -1.76 1.95 11.63
CA HIS A 201 -0.67 2.35 12.56
C HIS A 201 -1.01 1.99 14.00
N ALA A 202 -2.28 2.16 14.41
CA ALA A 202 -2.74 1.86 15.76
C ALA A 202 -2.59 0.36 16.01
N TRP A 203 -3.02 -0.50 15.06
CA TRP A 203 -2.86 -1.96 15.22
C TRP A 203 -1.40 -2.39 15.24
N GLN A 204 -0.55 -1.73 14.44
CA GLN A 204 0.87 -2.02 14.45
C GLN A 204 1.49 -1.64 15.81
N HIS A 205 1.15 -0.47 16.33
CA HIS A 205 1.64 -0.05 17.64
C HIS A 205 1.15 -1.02 18.73
N ARG A 206 -0.11 -1.47 18.63
CA ARG A 206 -0.66 -2.40 19.63
C ARG A 206 0.12 -3.73 19.62
N GLN A 207 0.39 -4.28 18.44
CA GLN A 207 1.16 -5.51 18.32
C GLN A 207 2.58 -5.33 18.84
N TRP A 208 3.21 -4.19 18.54
CA TRP A 208 4.54 -3.88 19.03
C TRP A 208 4.55 -3.86 20.56
N VAL A 209 3.59 -3.18 21.20
CA VAL A 209 3.57 -3.08 22.66
C VAL A 209 3.35 -4.44 23.31
N ILE A 210 2.40 -5.23 22.77
CA ILE A 210 2.09 -6.55 23.31
C ILE A 210 3.30 -7.49 23.20
N GLN A 211 3.97 -7.53 22.04
CA GLN A 211 5.15 -8.40 21.87
C GLN A 211 6.33 -7.94 22.73
N GLU A 212 6.62 -6.64 22.74
CA GLU A 212 7.77 -6.10 23.44
C GLU A 212 7.68 -6.23 24.96
N PHE A 213 6.50 -5.97 25.53
CA PHE A 213 6.32 -5.99 26.98
C PHE A 213 5.53 -7.19 27.49
N ARG A 214 5.21 -8.19 26.61
CA ARG A 214 4.49 -9.41 27.00
C ARG A 214 3.13 -9.10 27.62
N LEU A 215 2.32 -8.26 26.97
CA LEU A 215 0.99 -7.91 27.48
C LEU A 215 -0.10 -8.70 26.75
N TRP A 216 -0.03 -10.03 26.83
CA TRP A 216 -0.93 -10.96 26.13
C TRP A 216 -2.23 -11.33 26.87
N ASP A 217 -2.20 -11.28 28.21
CA ASP A 217 -3.28 -11.76 29.07
C ASP A 217 -4.73 -11.28 28.77
N ASN A 218 -4.96 -10.01 28.40
CA ASN A 218 -6.33 -9.52 28.17
C ASN A 218 -6.67 -9.25 26.68
N GLU A 219 -5.79 -9.59 25.71
CA GLU A 219 -6.04 -9.22 24.32
C GLU A 219 -7.12 -10.04 23.62
N LEU A 220 -7.26 -11.34 23.90
CA LEU A 220 -8.32 -12.14 23.29
C LEU A 220 -9.70 -11.60 23.73
N GLN A 221 -9.82 -11.14 24.99
CA GLN A 221 -11.04 -10.52 25.50
C GLN A 221 -11.33 -9.19 24.77
N TYR A 222 -10.29 -8.38 24.48
CA TYR A 222 -10.47 -7.13 23.74
C TYR A 222 -10.90 -7.44 22.29
N VAL A 223 -10.29 -8.45 21.67
CA VAL A 223 -10.63 -8.94 20.33
C VAL A 223 -12.13 -9.35 20.28
N ASP A 224 -12.58 -10.13 21.28
CA ASP A 224 -13.97 -10.58 21.39
C ASP A 224 -14.95 -9.40 21.46
N GLN A 225 -14.59 -8.36 22.22
CA GLN A 225 -15.37 -7.13 22.34
C GLN A 225 -15.54 -6.44 20.97
N LEU A 226 -14.45 -6.22 20.22
CA LEU A 226 -14.55 -5.54 18.93
C LEU A 226 -15.22 -6.39 17.86
N LEU A 227 -15.14 -7.74 17.96
CA LEU A 227 -15.87 -8.60 17.01
C LEU A 227 -17.38 -8.49 17.26
N LYS A 228 -17.81 -8.31 18.53
CA LYS A 228 -19.23 -8.10 18.82
C LYS A 228 -19.68 -6.78 18.20
N GLU A 229 -18.86 -5.72 18.32
CA GLU A 229 -19.17 -4.41 17.74
C GLU A 229 -19.26 -4.46 16.20
N ASP A 230 -18.28 -5.11 15.54
CA ASP A 230 -18.28 -5.25 14.08
C ASP A 230 -17.57 -6.55 13.69
N VAL A 231 -18.36 -7.63 13.48
CA VAL A 231 -17.80 -8.93 13.08
C VAL A 231 -17.12 -8.89 11.70
N ARG A 232 -17.31 -7.82 10.91
CA ARG A 232 -16.68 -7.66 9.59
C ARG A 232 -15.33 -6.92 9.68
N ASN A 233 -14.87 -6.51 10.87
CA ASN A 233 -13.60 -5.80 10.99
C ASN A 233 -12.44 -6.79 10.83
N ASN A 234 -11.85 -6.83 9.62
CA ASN A 234 -10.74 -7.73 9.30
C ASN A 234 -9.49 -7.51 10.16
N SER A 235 -9.26 -6.27 10.64
CA SER A 235 -8.13 -5.95 11.51
C SER A 235 -8.24 -6.71 12.84
N VAL A 236 -9.47 -6.88 13.33
CA VAL A 236 -9.72 -7.61 14.57
C VAL A 236 -9.57 -9.12 14.35
N TRP A 237 -10.02 -9.67 13.20
CA TRP A 237 -9.80 -11.10 12.90
C TRP A 237 -8.28 -11.38 12.78
N ASN A 238 -7.50 -10.39 12.28
CA ASN A 238 -6.06 -10.52 12.22
C ASN A 238 -5.49 -10.53 13.65
N GLN A 239 -5.98 -9.62 14.52
CA GLN A 239 -5.50 -9.57 15.90
C GLN A 239 -5.79 -10.87 16.63
N ARG A 240 -6.92 -11.53 16.31
CA ARG A 240 -7.29 -12.82 16.91
C ARG A 240 -6.21 -13.85 16.59
N HIS A 241 -5.79 -13.93 15.31
CA HIS A 241 -4.75 -14.85 14.87
C HIS A 241 -3.41 -14.49 15.49
N PHE A 242 -3.10 -13.19 15.58
CA PHE A 242 -1.87 -12.71 16.21
C PHE A 242 -1.79 -13.18 17.69
N VAL A 243 -2.88 -13.04 18.45
CA VAL A 243 -2.87 -13.45 19.86
C VAL A 243 -2.77 -14.96 20.00
N ILE A 244 -3.62 -15.72 19.29
CA ILE A 244 -3.63 -17.17 19.46
C ILE A 244 -2.31 -17.79 18.99
N SER A 245 -1.81 -17.42 17.80
CA SER A 245 -0.56 -18.01 17.31
C SER A 245 0.66 -17.72 18.20
N ASN A 246 0.66 -16.63 18.99
CA ASN A 246 1.76 -16.28 19.89
C ASN A 246 1.57 -16.69 21.33
N THR A 247 0.40 -17.27 21.71
CA THR A 247 0.17 -17.71 23.09
C THR A 247 0.04 -19.26 23.10
N THR A 248 -1.16 -19.84 22.83
CA THR A 248 -1.34 -21.28 22.84
C THR A 248 -0.93 -21.94 21.52
N GLY A 249 -1.05 -21.23 20.42
CA GLY A 249 -0.86 -21.81 19.10
C GLY A 249 -2.14 -22.46 18.63
N TYR A 250 -2.17 -22.90 17.38
CA TYR A 250 -3.31 -23.60 16.79
C TYR A 250 -3.14 -25.14 16.75
N SER A 251 -1.98 -25.68 17.18
CA SER A 251 -1.77 -27.12 17.22
C SER A 251 -2.59 -27.79 18.33
N ASP A 252 -2.95 -27.05 19.39
CA ASP A 252 -3.76 -27.61 20.45
C ASP A 252 -5.16 -27.85 19.87
N ARG A 253 -5.59 -29.12 19.87
CA ARG A 253 -6.87 -29.54 19.31
C ARG A 253 -8.06 -28.85 19.95
N ALA A 254 -8.05 -28.65 21.27
CA ALA A 254 -9.15 -27.96 21.94
C ALA A 254 -9.24 -26.50 21.43
N VAL A 255 -8.08 -25.79 21.29
CA VAL A 255 -8.06 -24.42 20.79
C VAL A 255 -8.58 -24.37 19.36
N LEU A 256 -8.03 -25.22 18.46
CA LEU A 256 -8.47 -25.25 17.05
C LEU A 256 -9.98 -25.56 16.94
N GLU A 257 -10.47 -26.54 17.70
CA GLU A 257 -11.89 -26.89 17.72
C GLU A 257 -12.75 -25.69 18.16
N ARG A 258 -12.34 -25.00 19.24
CA ARG A 258 -13.04 -23.82 19.74
C ARG A 258 -13.04 -22.71 18.66
N GLU A 259 -11.91 -22.50 17.99
CA GLU A 259 -11.80 -21.47 16.94
C GLU A 259 -12.64 -21.78 15.71
N VAL A 260 -12.67 -23.03 15.27
CA VAL A 260 -13.46 -23.42 14.11
C VAL A 260 -14.96 -23.40 14.45
N GLN A 261 -15.34 -23.80 15.68
CA GLN A 261 -16.74 -23.75 16.10
C GLN A 261 -17.20 -22.28 16.23
N TYR A 262 -16.37 -21.41 16.80
CA TYR A 262 -16.70 -19.98 16.91
C TYR A 262 -16.87 -19.36 15.51
N THR A 263 -15.92 -19.60 14.61
CA THR A 263 -15.94 -19.06 13.26
C THR A 263 -17.17 -19.55 12.49
N LEU A 264 -17.52 -20.84 12.59
CA LEU A 264 -18.70 -21.38 11.91
C LEU A 264 -19.98 -20.73 12.45
N GLU A 265 -20.04 -20.38 13.74
CA GLU A 265 -21.22 -19.71 14.30
C GLU A 265 -21.33 -18.29 13.73
N MET A 266 -20.19 -17.59 13.56
CA MET A 266 -20.18 -16.27 12.95
C MET A 266 -20.58 -16.34 11.48
N ILE A 267 -20.18 -17.41 10.77
CA ILE A 267 -20.56 -17.60 9.38
C ILE A 267 -22.09 -17.82 9.31
N LYS A 268 -22.67 -18.63 10.21
CA LYS A 268 -24.12 -18.87 10.22
C LYS A 268 -24.87 -17.55 10.44
N LEU A 269 -24.37 -16.69 11.35
CA LEU A 269 -25.01 -15.42 11.66
C LEU A 269 -24.94 -14.41 10.49
N VAL A 270 -23.76 -14.29 9.85
CA VAL A 270 -23.52 -13.33 8.76
C VAL A 270 -22.84 -14.10 7.61
N PRO A 271 -23.62 -14.87 6.83
CA PRO A 271 -23.01 -15.71 5.77
C PRO A 271 -22.17 -15.00 4.70
N HIS A 272 -22.45 -13.72 4.39
CA HIS A 272 -21.72 -13.01 3.35
C HIS A 272 -20.54 -12.15 3.91
N ASN A 273 -20.12 -12.38 5.18
CA ASN A 273 -18.97 -11.68 5.76
C ASN A 273 -17.74 -12.47 5.36
N GLU A 274 -16.91 -11.92 4.47
CA GLU A 274 -15.72 -12.61 4.00
C GLU A 274 -14.64 -12.87 5.06
N SER A 275 -14.45 -11.98 6.05
CA SER A 275 -13.38 -12.16 7.04
C SER A 275 -13.48 -13.49 7.80
N ALA A 276 -14.71 -13.90 8.19
CA ALA A 276 -14.87 -15.15 8.92
C ALA A 276 -14.48 -16.33 8.02
N TRP A 277 -14.91 -16.32 6.74
CA TRP A 277 -14.54 -17.37 5.80
C TRP A 277 -13.02 -17.43 5.61
N ASN A 278 -12.36 -16.28 5.49
CA ASN A 278 -10.90 -16.23 5.34
C ASN A 278 -10.17 -16.72 6.58
N TYR A 279 -10.71 -16.47 7.78
CA TYR A 279 -10.11 -16.94 9.02
C TYR A 279 -10.28 -18.46 9.15
N LEU A 280 -11.46 -19.02 8.79
CA LEU A 280 -11.69 -20.46 8.81
C LEU A 280 -10.68 -21.17 7.89
N LYS A 281 -10.47 -20.63 6.67
CA LYS A 281 -9.54 -21.17 5.70
C LYS A 281 -8.09 -21.05 6.18
N GLY A 282 -7.70 -19.88 6.67
CA GLY A 282 -6.34 -19.65 7.14
C GLY A 282 -5.85 -20.55 8.26
N ILE A 283 -6.73 -20.88 9.23
CA ILE A 283 -6.32 -21.71 10.37
C ILE A 283 -6.33 -23.23 10.04
N LEU A 284 -6.94 -23.65 8.93
CA LEU A 284 -7.03 -25.05 8.52
C LEU A 284 -6.12 -25.39 7.33
N GLN A 285 -5.82 -24.40 6.45
CA GLN A 285 -4.96 -24.55 5.28
C GLN A 285 -3.53 -25.01 5.59
N ASP A 286 -3.03 -24.75 6.82
CA ASP A 286 -1.65 -25.11 7.20
C ASP A 286 -1.40 -26.59 7.02
N ARG A 287 -2.23 -27.41 7.67
CA ARG A 287 -2.12 -28.85 7.61
C ARG A 287 -2.87 -29.47 6.41
N GLY A 288 -3.72 -28.69 5.74
CA GLY A 288 -4.45 -29.13 4.56
C GLY A 288 -5.93 -29.31 4.85
N LEU A 289 -6.79 -28.64 4.07
CA LEU A 289 -8.25 -28.77 4.24
C LEU A 289 -8.75 -30.24 4.18
N SER A 290 -8.13 -31.10 3.34
CA SER A 290 -8.52 -32.52 3.25
C SER A 290 -8.23 -33.31 4.55
N ARG A 291 -7.39 -32.77 5.43
CA ARG A 291 -7.09 -33.40 6.72
C ARG A 291 -8.34 -33.44 7.65
N TYR A 292 -9.39 -32.63 7.35
CA TYR A 292 -10.60 -32.50 8.13
C TYR A 292 -11.80 -33.04 7.35
N PRO A 293 -12.07 -34.37 7.38
CA PRO A 293 -13.15 -34.91 6.54
C PRO A 293 -14.58 -34.44 6.85
N ASN A 294 -14.92 -34.10 8.10
CA ASN A 294 -16.28 -33.63 8.41
C ASN A 294 -16.58 -32.24 7.89
N LEU A 295 -15.55 -31.45 7.56
CA LEU A 295 -15.71 -30.07 7.11
C LEU A 295 -16.52 -29.97 5.82
N LEU A 296 -16.24 -30.84 4.84
CA LEU A 296 -16.95 -30.82 3.56
C LEU A 296 -18.49 -30.98 3.75
N ASN A 297 -18.91 -32.03 4.46
CA ASN A 297 -20.34 -32.30 4.66
C ASN A 297 -21.01 -31.26 5.55
N GLN A 298 -20.28 -30.67 6.52
CA GLN A 298 -20.85 -29.62 7.36
C GLN A 298 -21.07 -28.32 6.56
N LEU A 299 -20.26 -28.05 5.53
CA LEU A 299 -20.48 -26.87 4.68
C LEU A 299 -21.58 -27.17 3.66
N LEU A 300 -21.64 -28.42 3.13
CA LEU A 300 -22.71 -28.82 2.21
C LEU A 300 -24.09 -28.81 2.93
N ASP A 301 -24.11 -29.00 4.28
CA ASP A 301 -25.36 -28.93 5.05
C ASP A 301 -25.82 -27.47 5.22
N LEU A 302 -24.88 -26.52 5.31
CA LEU A 302 -25.19 -25.10 5.40
C LEU A 302 -25.45 -24.48 3.98
N GLN A 303 -25.18 -25.23 2.88
CA GLN A 303 -25.34 -24.75 1.50
C GLN A 303 -26.77 -24.33 1.11
N PRO A 304 -27.84 -25.06 1.51
CA PRO A 304 -29.20 -24.66 1.08
C PRO A 304 -29.68 -23.33 1.65
N SER A 305 -29.48 -23.08 2.96
CA SER A 305 -29.97 -21.87 3.63
C SER A 305 -28.96 -20.73 3.82
N HIS A 306 -27.65 -21.02 3.93
CA HIS A 306 -26.63 -19.99 4.14
C HIS A 306 -25.58 -20.02 3.02
N SER A 307 -26.02 -20.21 1.75
CA SER A 307 -25.13 -20.25 0.61
C SER A 307 -24.52 -18.86 0.31
N SER A 308 -23.43 -18.88 -0.46
CA SER A 308 -22.70 -17.68 -0.88
C SER A 308 -21.55 -18.07 -1.81
N PRO A 309 -21.03 -17.16 -2.67
CA PRO A 309 -19.82 -17.53 -3.44
C PRO A 309 -18.63 -17.86 -2.52
N TYR A 310 -18.66 -17.44 -1.23
CA TYR A 310 -17.58 -17.77 -0.28
C TYR A 310 -17.65 -19.26 0.07
N LEU A 311 -18.86 -19.79 0.28
CA LEU A 311 -19.05 -21.20 0.57
C LEU A 311 -18.65 -22.04 -0.64
N ILE A 312 -19.05 -21.63 -1.85
CA ILE A 312 -18.73 -22.35 -3.08
C ILE A 312 -17.21 -22.36 -3.31
N ALA A 313 -16.55 -21.22 -3.08
CA ALA A 313 -15.09 -21.14 -3.24
C ALA A 313 -14.40 -22.05 -2.22
N PHE A 314 -14.91 -22.10 -0.98
CA PHE A 314 -14.33 -22.96 0.06
C PHE A 314 -14.47 -24.44 -0.34
N LEU A 315 -15.58 -24.83 -0.99
CA LEU A 315 -15.77 -26.20 -1.46
C LEU A 315 -14.69 -26.56 -2.50
N VAL A 316 -14.39 -25.62 -3.45
CA VAL A 316 -13.35 -25.83 -4.45
C VAL A 316 -11.98 -25.92 -3.76
N ASP A 317 -11.72 -25.10 -2.72
CA ASP A 317 -10.46 -25.18 -1.96
C ASP A 317 -10.33 -26.58 -1.31
N ILE A 318 -11.42 -27.13 -0.72
CA ILE A 318 -11.40 -28.47 -0.12
C ILE A 318 -11.10 -29.51 -1.21
N TYR A 319 -11.83 -29.46 -2.35
CA TYR A 319 -11.62 -30.43 -3.43
C TYR A 319 -10.19 -30.37 -3.96
N GLU A 320 -9.61 -29.16 -4.10
CA GLU A 320 -8.22 -28.99 -4.55
C GLU A 320 -7.26 -29.82 -3.68
N ASP A 321 -7.37 -29.69 -2.35
CA ASP A 321 -6.50 -30.41 -1.41
C ASP A 321 -6.77 -31.92 -1.40
N MET A 322 -8.05 -32.32 -1.56
CA MET A 322 -8.41 -33.75 -1.63
C MET A 322 -7.73 -34.39 -2.83
N LEU A 323 -7.73 -33.71 -3.99
CA LEU A 323 -7.11 -34.23 -5.20
C LEU A 323 -5.59 -34.31 -5.05
N GLU A 324 -4.96 -33.31 -4.42
CA GLU A 324 -3.51 -33.31 -4.20
C GLU A 324 -3.07 -34.31 -3.10
N ASN A 325 -4.00 -35.02 -2.42
CA ASN A 325 -3.67 -35.96 -1.36
C ASN A 325 -4.28 -37.35 -1.57
N GLN A 326 -4.43 -37.77 -2.84
CA GLN A 326 -4.91 -39.10 -3.19
C GLN A 326 -6.22 -39.50 -2.48
N CYS A 327 -7.31 -38.78 -2.77
CA CYS A 327 -8.62 -39.02 -2.16
C CYS A 327 -9.38 -40.16 -2.84
N ASP A 328 -10.43 -40.67 -2.17
CA ASP A 328 -11.32 -41.70 -2.73
C ASP A 328 -12.28 -41.04 -3.72
N ASN A 329 -12.69 -41.78 -4.77
CA ASN A 329 -13.61 -41.28 -5.81
C ASN A 329 -12.99 -40.05 -6.50
N LYS A 330 -11.72 -40.17 -6.93
CA LYS A 330 -10.94 -39.08 -7.53
C LYS A 330 -11.57 -38.47 -8.79
N GLU A 331 -12.20 -39.30 -9.62
CA GLU A 331 -12.85 -38.85 -10.86
C GLU A 331 -14.09 -38.01 -10.53
N ASP A 332 -14.85 -38.41 -9.50
CA ASP A 332 -16.04 -37.72 -9.04
C ASP A 332 -15.69 -36.36 -8.42
N ILE A 333 -14.62 -36.31 -7.61
CA ILE A 333 -14.17 -35.09 -6.92
C ILE A 333 -13.71 -34.01 -7.91
N LEU A 334 -12.96 -34.40 -8.96
CA LEU A 334 -12.51 -33.45 -9.97
C LEU A 334 -13.70 -32.84 -10.73
N ASN A 335 -14.70 -33.65 -11.12
CA ASN A 335 -15.86 -33.14 -11.85
C ASN A 335 -16.69 -32.17 -11.01
N LYS A 336 -16.86 -32.45 -9.71
CA LYS A 336 -17.59 -31.54 -8.83
C LYS A 336 -16.84 -30.19 -8.73
N ALA A 337 -15.51 -30.24 -8.57
CA ALA A 337 -14.68 -29.05 -8.52
C ALA A 337 -14.75 -28.24 -9.82
N LEU A 338 -14.66 -28.89 -10.99
CA LEU A 338 -14.73 -28.19 -12.28
C LEU A 338 -16.11 -27.57 -12.50
N GLU A 339 -17.18 -28.23 -12.02
CA GLU A 339 -18.53 -27.71 -12.13
C GLU A 339 -18.69 -26.45 -11.29
N LEU A 340 -18.10 -26.42 -10.08
CA LEU A 340 -18.21 -25.25 -9.21
C LEU A 340 -17.40 -24.09 -9.79
N CYS A 341 -16.23 -24.37 -10.40
CA CYS A 341 -15.41 -23.35 -11.07
C CYS A 341 -16.21 -22.70 -12.22
N GLU A 342 -16.99 -23.49 -12.99
CA GLU A 342 -17.82 -22.98 -14.08
C GLU A 342 -18.93 -22.06 -13.51
N ILE A 343 -19.65 -22.50 -12.45
CA ILE A 343 -20.71 -21.72 -11.83
C ILE A 343 -20.17 -20.40 -11.25
N LEU A 344 -18.95 -20.42 -10.70
CA LEU A 344 -18.34 -19.21 -10.17
C LEU A 344 -17.92 -18.26 -11.32
N ALA A 345 -17.29 -18.79 -12.37
CA ALA A 345 -16.84 -17.96 -13.48
C ALA A 345 -17.97 -17.36 -14.31
N LYS A 346 -19.02 -18.12 -14.59
CA LYS A 346 -20.12 -17.66 -15.42
C LYS A 346 -21.27 -17.00 -14.67
N GLU A 347 -21.42 -17.24 -13.36
CA GLU A 347 -22.60 -16.73 -12.64
C GLU A 347 -22.31 -16.12 -11.26
N LYS A 348 -21.94 -16.93 -10.27
CA LYS A 348 -21.83 -16.48 -8.87
C LYS A 348 -20.66 -15.57 -8.51
N ASP A 349 -19.60 -15.48 -9.33
CA ASP A 349 -18.43 -14.67 -8.99
C ASP A 349 -17.67 -14.26 -10.25
N THR A 350 -18.40 -13.65 -11.22
CA THR A 350 -17.89 -13.27 -12.54
C THR A 350 -16.75 -12.27 -12.48
N ILE A 351 -16.65 -11.42 -11.42
CA ILE A 351 -15.50 -10.50 -11.30
C ILE A 351 -14.16 -11.31 -11.28
N ARG A 352 -14.20 -12.56 -10.74
CA ARG A 352 -13.05 -13.44 -10.67
C ARG A 352 -13.11 -14.56 -11.75
N LYS A 353 -13.72 -14.29 -12.93
CA LYS A 353 -13.80 -15.28 -14.00
C LYS A 353 -12.43 -15.80 -14.46
N GLU A 354 -11.43 -14.92 -14.62
CA GLU A 354 -10.08 -15.33 -15.02
C GLU A 354 -9.40 -16.19 -13.94
N TYR A 355 -9.67 -15.93 -12.65
CA TYR A 355 -9.11 -16.73 -11.56
C TYR A 355 -9.73 -18.15 -11.58
N TRP A 356 -11.09 -18.23 -11.64
CA TRP A 356 -11.79 -19.52 -11.65
C TRP A 356 -11.52 -20.32 -12.93
N ARG A 357 -11.29 -19.66 -14.07
CA ARG A 357 -10.94 -20.38 -15.30
C ARG A 357 -9.52 -20.94 -15.17
N TYR A 358 -8.59 -20.17 -14.56
CA TYR A 358 -7.24 -20.65 -14.28
C TYR A 358 -7.28 -21.86 -13.33
N ILE A 359 -8.10 -21.80 -12.27
CA ILE A 359 -8.20 -22.91 -11.31
C ILE A 359 -8.74 -24.17 -12.01
N GLY A 360 -9.77 -23.99 -12.83
CA GLY A 360 -10.34 -25.09 -13.60
C GLY A 360 -9.34 -25.74 -14.53
N ARG A 361 -8.62 -24.93 -15.32
CA ARG A 361 -7.60 -25.48 -16.22
C ARG A 361 -6.47 -26.15 -15.42
N SER A 362 -6.05 -25.51 -14.32
CA SER A 362 -5.01 -25.99 -13.41
C SER A 362 -5.33 -27.39 -12.88
N LEU A 363 -6.59 -27.60 -12.42
CA LEU A 363 -7.05 -28.90 -11.91
C LEU A 363 -7.05 -29.98 -12.99
N GLN A 364 -7.46 -29.64 -14.22
CA GLN A 364 -7.46 -30.58 -15.33
C GLN A 364 -6.02 -30.97 -15.67
N SER A 365 -5.12 -29.98 -15.72
CA SER A 365 -3.72 -30.22 -16.02
C SER A 365 -3.05 -31.14 -14.99
N LYS A 366 -3.31 -30.93 -13.70
CA LYS A 366 -2.69 -31.71 -12.64
C LYS A 366 -3.33 -33.08 -12.44
N HIS A 367 -4.66 -33.15 -12.43
CA HIS A 367 -5.39 -34.39 -12.11
C HIS A 367 -6.08 -35.05 -13.31
N SER A 368 -5.44 -34.97 -14.49
CA SER A 368 -5.91 -35.65 -15.72
C SER A 368 -4.87 -35.51 -16.86
N GLU B 21 -25.23 -2.29 -23.32
CA GLU B 21 -24.81 -3.62 -22.90
C GLU B 21 -23.28 -3.85 -22.93
N PRO B 22 -22.44 -3.21 -23.80
CA PRO B 22 -20.99 -3.47 -23.76
C PRO B 22 -20.31 -3.20 -22.41
N LEU B 23 -20.77 -2.17 -21.66
CA LEU B 23 -20.16 -1.87 -20.36
C LEU B 23 -20.69 -2.81 -19.28
N TYR B 24 -19.78 -3.67 -18.80
CA TYR B 24 -20.01 -4.68 -17.75
C TYR B 24 -20.69 -4.10 -16.49
N SER B 25 -20.30 -2.89 -16.07
CA SER B 25 -20.89 -2.25 -14.89
C SER B 25 -22.32 -1.78 -15.06
N LEU B 26 -22.80 -1.65 -16.32
CA LEU B 26 -24.12 -1.15 -16.63
C LEU B 26 -25.14 -2.24 -16.97
N ARG B 27 -24.72 -3.51 -17.15
CA ARG B 27 -25.65 -4.58 -17.51
C ARG B 27 -26.71 -4.82 -16.41
N PRO B 28 -27.96 -5.25 -16.74
CA PRO B 28 -28.97 -5.45 -15.68
C PRO B 28 -28.56 -6.45 -14.59
N GLU B 29 -27.89 -7.54 -14.97
CA GLU B 29 -27.42 -8.54 -14.01
C GLU B 29 -26.44 -7.97 -12.97
N HIS B 30 -25.74 -6.86 -13.29
CA HIS B 30 -24.80 -6.25 -12.36
C HIS B 30 -25.45 -5.82 -11.04
N ALA B 31 -26.77 -5.53 -11.04
CA ALA B 31 -27.51 -5.15 -9.83
C ALA B 31 -27.45 -6.23 -8.74
N ARG B 32 -27.28 -7.51 -9.13
CA ARG B 32 -27.17 -8.64 -8.20
C ARG B 32 -25.85 -8.62 -7.41
N GLU B 33 -24.84 -7.83 -7.82
CA GLU B 33 -23.56 -7.74 -7.13
C GLU B 33 -23.55 -6.72 -5.97
N ARG B 34 -24.70 -6.11 -5.64
CA ARG B 34 -24.79 -5.19 -4.52
C ARG B 34 -24.66 -5.98 -3.22
N LEU B 35 -24.19 -5.30 -2.18
CA LEU B 35 -23.95 -5.87 -0.86
C LEU B 35 -25.17 -6.55 -0.27
N GLN B 36 -24.95 -7.75 0.27
CA GLN B 36 -25.96 -8.52 1.00
C GLN B 36 -25.46 -8.49 2.45
N ASP B 37 -26.05 -7.61 3.28
CA ASP B 37 -25.65 -7.46 4.68
C ASP B 37 -26.27 -8.54 5.63
N ASP B 38 -27.09 -9.47 5.09
CA ASP B 38 -27.72 -10.54 5.88
C ASP B 38 -28.61 -10.01 7.02
N SER B 39 -29.14 -8.78 6.88
CA SER B 39 -29.94 -8.10 7.90
C SER B 39 -29.18 -7.86 9.21
N VAL B 40 -27.83 -7.79 9.15
CA VAL B 40 -26.97 -7.55 10.29
C VAL B 40 -26.13 -6.32 9.96
N GLU B 41 -26.48 -5.15 10.52
CA GLU B 41 -25.77 -3.91 10.22
C GLU B 41 -24.60 -3.63 11.16
N THR B 42 -23.43 -3.34 10.58
CA THR B 42 -22.25 -2.91 11.33
C THR B 42 -21.65 -1.68 10.59
N VAL B 43 -20.67 -0.98 11.18
CA VAL B 43 -20.02 0.19 10.55
C VAL B 43 -19.51 -0.17 9.14
N THR B 44 -18.90 -1.36 8.96
CA THR B 44 -18.39 -1.84 7.67
C THR B 44 -19.48 -1.91 6.58
N SER B 45 -20.62 -2.57 6.87
CA SER B 45 -21.69 -2.71 5.88
C SER B 45 -22.36 -1.37 5.60
N ILE B 46 -22.53 -0.50 6.61
CA ILE B 46 -23.13 0.81 6.41
C ILE B 46 -22.26 1.65 5.47
N GLU B 47 -20.94 1.72 5.71
CA GLU B 47 -20.04 2.50 4.84
C GLU B 47 -19.94 1.91 3.44
N GLN B 48 -19.95 0.58 3.31
CA GLN B 48 -19.89 -0.09 2.01
C GLN B 48 -21.18 0.23 1.19
N ALA B 49 -22.35 0.20 1.85
CA ALA B 49 -23.62 0.50 1.18
C ALA B 49 -23.66 1.96 0.75
N LYS B 50 -23.13 2.89 1.56
CA LYS B 50 -23.07 4.31 1.18
C LYS B 50 -22.27 4.50 -0.12
N VAL B 51 -21.09 3.83 -0.22
CA VAL B 51 -20.26 3.90 -1.42
C VAL B 51 -20.97 3.26 -2.63
N GLU B 52 -21.57 2.07 -2.45
CA GLU B 52 -22.27 1.41 -3.55
C GLU B 52 -23.44 2.25 -4.07
N GLU B 53 -24.15 2.97 -3.18
CA GLU B 53 -25.23 3.85 -3.62
C GLU B 53 -24.66 4.99 -4.47
N LYS B 54 -23.56 5.61 -4.01
CA LYS B 54 -22.91 6.68 -4.76
C LYS B 54 -22.36 6.19 -6.12
N ILE B 55 -21.76 4.99 -6.17
CA ILE B 55 -21.20 4.41 -7.38
C ILE B 55 -22.32 4.07 -8.39
N GLN B 56 -23.46 3.54 -7.90
CA GLN B 56 -24.62 3.23 -8.74
C GLN B 56 -25.19 4.51 -9.35
N GLU B 57 -25.16 5.66 -8.63
CA GLU B 57 -25.66 6.92 -9.21
C GLU B 57 -24.77 7.32 -10.40
N VAL B 58 -23.45 7.10 -10.30
CA VAL B 58 -22.51 7.38 -11.37
C VAL B 58 -22.78 6.46 -12.57
N PHE B 59 -22.95 5.15 -12.32
CA PHE B 59 -23.23 4.19 -13.41
C PHE B 59 -24.55 4.51 -14.12
N SER B 60 -25.61 4.85 -13.36
CA SER B 60 -26.91 5.16 -13.94
C SER B 60 -27.05 6.57 -14.55
N SER B 61 -26.03 7.45 -14.40
CA SER B 61 -26.10 8.83 -14.89
C SER B 61 -26.35 8.94 -16.38
N TYR B 62 -25.81 8.01 -17.19
CA TYR B 62 -26.04 8.05 -18.64
C TYR B 62 -27.52 7.77 -18.93
N LYS B 63 -28.11 6.75 -18.29
CA LYS B 63 -29.53 6.41 -18.45
C LYS B 63 -30.46 7.56 -18.04
N PHE B 64 -30.17 8.23 -16.92
CA PHE B 64 -31.00 9.33 -16.40
C PHE B 64 -30.96 10.58 -17.31
N ASN B 65 -29.77 10.91 -17.85
CA ASN B 65 -29.62 12.06 -18.76
C ASN B 65 -29.94 11.74 -20.24
N HIS B 66 -30.09 10.44 -20.58
CA HIS B 66 -30.46 9.96 -21.91
C HIS B 66 -29.36 10.20 -22.91
N LEU B 67 -28.18 9.70 -22.57
CA LEU B 67 -26.99 9.80 -23.41
C LEU B 67 -26.36 8.43 -23.58
N VAL B 68 -25.65 8.24 -24.68
CA VAL B 68 -24.90 7.01 -24.91
C VAL B 68 -23.67 7.09 -23.98
N PRO B 69 -23.33 6.07 -23.17
CA PRO B 69 -22.08 6.16 -22.39
C PRO B 69 -20.87 6.29 -23.32
N ARG B 70 -19.96 7.19 -22.99
CA ARG B 70 -18.76 7.41 -23.80
C ARG B 70 -17.63 7.61 -22.84
N LEU B 71 -16.94 6.53 -22.51
CA LEU B 71 -15.83 6.57 -21.58
C LEU B 71 -14.62 7.20 -22.23
N VAL B 72 -14.32 8.45 -21.87
CA VAL B 72 -13.19 9.20 -22.39
C VAL B 72 -12.23 9.54 -21.25
N LEU B 73 -10.94 9.30 -21.46
CA LEU B 73 -9.91 9.67 -20.51
C LEU B 73 -9.61 11.13 -20.86
N GLN B 74 -9.82 12.05 -19.91
CA GLN B 74 -9.64 13.48 -20.12
C GLN B 74 -8.16 13.85 -20.09
N ARG B 75 -7.44 13.46 -21.16
CA ARG B 75 -6.00 13.64 -21.29
C ARG B 75 -5.55 15.08 -21.19
N GLU B 76 -6.19 15.99 -21.92
CA GLU B 76 -5.79 17.39 -21.94
C GLU B 76 -6.02 18.05 -20.57
N LYS B 77 -7.13 17.71 -19.88
CA LYS B 77 -7.37 18.24 -18.53
C LYS B 77 -6.30 17.71 -17.55
N HIS B 78 -5.96 16.40 -17.63
CA HIS B 78 -4.94 15.78 -16.77
C HIS B 78 -3.57 16.43 -17.06
N PHE B 79 -3.24 16.61 -18.35
CA PHE B 79 -2.00 17.24 -18.80
C PHE B 79 -1.81 18.68 -18.25
N HIS B 80 -2.84 19.54 -18.33
CA HIS B 80 -2.75 20.91 -17.80
C HIS B 80 -2.45 20.90 -16.30
N TYR B 81 -3.15 20.04 -15.57
CA TYR B 81 -3.01 19.87 -14.13
C TYR B 81 -1.59 19.43 -13.76
N LEU B 82 -1.05 18.46 -14.52
CA LEU B 82 0.29 17.92 -14.29
C LEU B 82 1.42 18.89 -14.65
N LYS B 83 1.40 19.51 -15.85
CA LYS B 83 2.48 20.43 -16.26
C LYS B 83 2.56 21.66 -15.35
N ARG B 84 1.42 22.06 -14.74
CA ARG B 84 1.41 23.19 -13.83
C ARG B 84 2.02 22.76 -12.48
N GLY B 85 1.57 21.62 -11.94
CA GLY B 85 2.08 21.06 -10.70
C GLY B 85 3.56 20.77 -10.74
N LEU B 86 4.07 20.38 -11.93
CA LEU B 86 5.49 20.12 -12.13
C LEU B 86 6.34 21.37 -11.83
N ARG B 87 5.78 22.56 -11.98
CA ARG B 87 6.50 23.80 -11.73
C ARG B 87 6.16 24.40 -10.36
N GLN B 88 4.85 24.49 -10.03
CA GLN B 88 4.41 25.21 -8.86
C GLN B 88 3.12 24.66 -8.29
N LEU B 89 2.97 24.77 -6.96
CA LEU B 89 1.84 24.28 -6.19
C LEU B 89 1.42 25.34 -5.15
N THR B 90 0.15 25.35 -4.76
CA THR B 90 -0.34 26.31 -3.75
C THR B 90 0.03 25.83 -2.32
N ASP B 91 -0.20 26.69 -1.29
CA ASP B 91 0.04 26.32 0.11
C ASP B 91 -0.81 25.12 0.57
N ALA B 92 -1.77 24.65 -0.25
CA ALA B 92 -2.52 23.45 0.07
C ALA B 92 -1.61 22.20 0.06
N TYR B 93 -0.45 22.26 -0.65
CA TYR B 93 0.52 21.16 -0.72
C TYR B 93 1.64 21.28 0.34
N GLU B 94 1.49 22.16 1.37
CA GLU B 94 2.48 22.28 2.44
C GLU B 94 2.73 20.95 3.19
N CYS B 95 1.70 20.06 3.25
CA CYS B 95 1.82 18.72 3.84
C CYS B 95 2.77 17.80 3.03
N LEU B 96 3.17 18.23 1.80
CA LEU B 96 4.09 17.51 0.93
C LEU B 96 5.46 18.21 0.83
N ASP B 97 5.80 19.10 1.78
CA ASP B 97 7.11 19.75 1.81
C ASP B 97 8.28 18.77 2.13
N ALA B 98 7.99 17.55 2.66
CA ALA B 98 9.01 16.51 2.89
C ALA B 98 8.77 15.31 1.92
N SER B 99 8.12 15.55 0.75
CA SER B 99 7.81 14.54 -0.26
C SER B 99 7.98 15.11 -1.68
N ARG B 100 8.90 16.06 -1.87
CA ARG B 100 9.03 16.74 -3.16
C ARG B 100 9.64 15.83 -4.27
N PRO B 101 10.59 14.90 -3.99
CA PRO B 101 10.97 13.91 -5.02
C PRO B 101 9.76 13.01 -5.36
N TRP B 102 8.81 12.77 -4.44
CA TRP B 102 7.58 12.00 -4.76
C TRP B 102 6.73 12.77 -5.77
N LEU B 103 6.61 14.08 -5.60
CA LEU B 103 5.86 14.92 -6.53
C LEU B 103 6.55 14.86 -7.92
N CYS B 104 7.89 14.87 -7.97
CA CYS B 104 8.61 14.71 -9.24
C CYS B 104 8.25 13.39 -9.92
N TYR B 105 8.32 12.29 -9.18
CA TYR B 105 7.99 10.97 -9.69
C TYR B 105 6.50 10.83 -10.13
N TRP B 106 5.53 11.14 -9.26
CA TRP B 106 4.10 11.01 -9.57
C TRP B 106 3.72 11.78 -10.84
N ILE B 107 4.20 13.04 -10.95
CA ILE B 107 3.91 13.90 -12.08
C ILE B 107 4.64 13.43 -13.35
N LEU B 108 5.97 13.15 -13.28
CA LEU B 108 6.70 12.71 -14.48
C LEU B 108 6.17 11.38 -14.98
N HIS B 109 5.81 10.46 -14.06
CA HIS B 109 5.28 9.16 -14.44
C HIS B 109 3.88 9.28 -15.09
N SER B 110 3.01 10.16 -14.57
CA SER B 110 1.70 10.39 -15.18
C SER B 110 1.87 10.98 -16.57
N LEU B 111 2.81 11.93 -16.73
CA LEU B 111 3.10 12.52 -18.03
C LEU B 111 3.63 11.46 -19.01
N GLU B 112 4.49 10.51 -18.56
CA GLU B 112 4.99 9.46 -19.46
C GLU B 112 3.86 8.51 -19.85
N LEU B 113 2.96 8.18 -18.90
CA LEU B 113 1.80 7.33 -19.19
C LEU B 113 0.90 8.01 -20.23
N LEU B 114 0.69 9.32 -20.09
CA LEU B 114 -0.11 10.08 -21.04
C LEU B 114 0.63 10.40 -22.36
N ASP B 115 1.86 9.85 -22.56
CA ASP B 115 2.67 10.05 -23.77
C ASP B 115 2.99 11.53 -23.98
N GLU B 116 3.19 12.30 -22.88
CA GLU B 116 3.48 13.73 -22.96
C GLU B 116 4.98 13.90 -22.81
N PRO B 117 5.67 14.56 -23.75
CA PRO B 117 7.14 14.65 -23.64
C PRO B 117 7.61 15.68 -22.61
N ILE B 118 8.79 15.43 -22.02
CA ILE B 118 9.39 16.32 -21.04
C ILE B 118 10.38 17.20 -21.80
N PRO B 119 10.17 18.54 -21.91
CA PRO B 119 11.16 19.39 -22.58
C PRO B 119 12.56 19.26 -21.97
N GLN B 120 13.62 19.34 -22.79
CA GLN B 120 15.00 19.21 -22.28
C GLN B 120 15.32 20.20 -21.15
N ILE B 121 14.81 21.43 -21.21
CA ILE B 121 15.03 22.41 -20.16
C ILE B 121 14.32 22.01 -18.86
N VAL B 122 13.09 21.46 -18.93
CA VAL B 122 12.35 21.01 -17.75
C VAL B 122 13.06 19.79 -17.15
N ALA B 123 13.51 18.85 -17.99
CA ALA B 123 14.25 17.65 -17.55
C ALA B 123 15.51 18.05 -16.78
N THR B 124 16.26 19.05 -17.29
CA THR B 124 17.47 19.55 -16.63
C THR B 124 17.14 20.18 -15.29
N ASP B 125 16.04 20.95 -15.23
CA ASP B 125 15.59 21.57 -13.99
C ASP B 125 15.25 20.55 -12.90
N VAL B 126 14.65 19.40 -13.28
CA VAL B 126 14.34 18.35 -12.32
C VAL B 126 15.64 17.69 -11.79
N CYS B 127 16.63 17.45 -12.70
CA CYS B 127 17.93 16.86 -12.35
C CYS B 127 18.62 17.73 -11.30
N GLN B 128 18.63 19.05 -11.52
CA GLN B 128 19.27 19.98 -10.61
C GLN B 128 18.57 20.06 -9.26
N PHE B 129 17.22 19.98 -9.23
CA PHE B 129 16.49 19.98 -7.97
C PHE B 129 16.76 18.69 -7.19
N LEU B 130 16.75 17.53 -7.87
CA LEU B 130 17.04 16.27 -7.18
C LEU B 130 18.49 16.22 -6.69
N GLU B 131 19.43 16.94 -7.33
CA GLU B 131 20.80 17.06 -6.83
C GLU B 131 20.81 17.78 -5.48
N LEU B 132 19.96 18.82 -5.31
CA LEU B 132 19.85 19.54 -4.04
C LEU B 132 19.26 18.64 -2.93
N CYS B 133 18.40 17.68 -3.28
CA CYS B 133 17.81 16.74 -2.32
C CYS B 133 18.76 15.61 -1.94
N GLN B 134 19.82 15.34 -2.73
CA GLN B 134 20.75 14.24 -2.46
C GLN B 134 21.63 14.54 -1.25
N SER B 135 21.79 13.55 -0.37
CA SER B 135 22.60 13.70 0.83
C SER B 135 24.10 13.46 0.55
N PRO B 136 25.04 14.19 1.19
CA PRO B 136 26.48 13.88 0.97
C PRO B 136 26.87 12.45 1.32
N ASP B 137 26.10 11.78 2.19
CA ASP B 137 26.36 10.40 2.58
C ASP B 137 25.50 9.36 1.82
N GLY B 138 24.80 9.77 0.76
CA GLY B 138 23.99 8.87 -0.05
C GLY B 138 22.50 8.95 0.23
N GLY B 139 21.72 8.62 -0.79
CA GLY B 139 20.27 8.69 -0.71
C GLY B 139 19.77 10.10 -0.91
N PHE B 140 18.44 10.25 -0.98
CA PHE B 140 17.77 11.54 -1.14
C PHE B 140 16.81 11.81 0.00
N GLY B 141 16.67 13.09 0.33
CA GLY B 141 15.71 13.59 1.30
C GLY B 141 14.46 14.12 0.63
N GLY B 142 13.43 14.44 1.43
CA GLY B 142 12.16 14.94 0.92
C GLY B 142 12.20 16.36 0.36
N GLY B 143 13.37 16.99 0.38
CA GLY B 143 13.59 18.34 -0.11
C GLY B 143 15.02 18.81 0.13
N PRO B 144 15.40 19.99 -0.38
CA PRO B 144 16.80 20.45 -0.20
C PRO B 144 17.23 20.50 1.28
N GLY B 145 18.36 19.87 1.60
CA GLY B 145 18.88 19.88 2.98
C GLY B 145 18.20 18.94 3.96
N GLN B 146 17.16 18.21 3.53
CA GLN B 146 16.48 17.28 4.44
C GLN B 146 17.29 15.96 4.54
N TYR B 147 17.28 15.32 5.70
CA TYR B 147 18.00 14.06 5.90
C TYR B 147 17.53 12.99 4.90
N PRO B 148 18.41 12.07 4.47
CA PRO B 148 17.98 11.07 3.47
C PRO B 148 16.96 10.10 4.05
N HIS B 149 16.14 9.52 3.18
CA HIS B 149 15.09 8.58 3.58
C HIS B 149 14.85 7.65 2.37
N LEU B 150 14.59 6.36 2.60
CA LEU B 150 14.41 5.42 1.49
C LEU B 150 13.21 5.71 0.58
N ALA B 151 12.13 6.34 1.10
CA ALA B 151 10.95 6.62 0.25
C ALA B 151 11.28 7.71 -0.81
N PRO B 152 11.73 8.94 -0.44
CA PRO B 152 12.17 9.90 -1.47
C PRO B 152 13.39 9.42 -2.27
N THR B 153 14.23 8.49 -1.73
CA THR B 153 15.35 7.94 -2.51
C THR B 153 14.77 7.13 -3.68
N TYR B 154 13.79 6.25 -3.39
CA TYR B 154 13.10 5.43 -4.40
C TYR B 154 12.47 6.33 -5.47
N ALA B 155 11.74 7.38 -5.03
CA ALA B 155 11.07 8.32 -5.94
C ALA B 155 12.05 9.12 -6.81
N ALA B 156 13.17 9.62 -6.25
CA ALA B 156 14.16 10.39 -7.00
C ALA B 156 14.85 9.54 -8.06
N VAL B 157 15.22 8.29 -7.73
CA VAL B 157 15.86 7.41 -8.71
C VAL B 157 14.84 7.08 -9.83
N ASN B 158 13.59 6.79 -9.49
CA ASN B 158 12.58 6.50 -10.54
C ASN B 158 12.35 7.74 -11.43
N ALA B 159 12.31 8.96 -10.85
CA ALA B 159 12.15 10.20 -11.59
C ALA B 159 13.34 10.42 -12.55
N LEU B 160 14.58 10.22 -12.06
CA LEU B 160 15.78 10.35 -12.89
C LEU B 160 15.83 9.28 -14.00
N CYS B 161 15.30 8.07 -13.77
CA CYS B 161 15.24 7.04 -14.81
C CYS B 161 14.13 7.34 -15.84
N ILE B 162 13.04 8.03 -15.44
CA ILE B 162 12.02 8.47 -16.40
C ILE B 162 12.63 9.53 -17.34
N ILE B 163 13.47 10.44 -16.79
CA ILE B 163 14.16 11.44 -17.63
C ILE B 163 15.14 10.69 -18.55
N GLY B 164 15.96 9.82 -17.95
CA GLY B 164 16.85 8.93 -18.68
C GLY B 164 17.92 9.54 -19.56
N THR B 165 18.36 10.76 -19.23
CA THR B 165 19.44 11.41 -19.96
C THR B 165 20.75 11.10 -19.21
N GLU B 166 21.91 11.36 -19.84
CA GLU B 166 23.22 11.18 -19.19
C GLU B 166 23.29 12.06 -17.94
N GLU B 167 22.80 13.30 -18.05
CA GLU B 167 22.73 14.24 -16.94
C GLU B 167 21.94 13.64 -15.76
N ALA B 168 20.78 13.01 -16.04
CA ALA B 168 19.94 12.42 -14.99
C ALA B 168 20.62 11.23 -14.30
N TYR B 169 21.21 10.30 -15.09
CA TYR B 169 21.89 9.14 -14.52
C TYR B 169 23.08 9.60 -13.67
N ASN B 170 23.82 10.63 -14.16
CA ASN B 170 24.98 11.17 -13.44
C ASN B 170 24.68 11.82 -12.11
N VAL B 171 23.42 12.20 -11.85
CA VAL B 171 23.06 12.82 -10.57
C VAL B 171 23.34 11.85 -9.41
N ILE B 172 23.06 10.55 -9.60
CA ILE B 172 23.17 9.56 -8.54
C ILE B 172 24.60 9.23 -8.14
N ASN B 173 24.94 9.49 -6.87
CA ASN B 173 26.25 9.12 -6.34
C ASN B 173 26.10 7.65 -5.92
N ARG B 174 26.52 6.73 -6.80
CA ARG B 174 26.34 5.29 -6.59
C ARG B 174 27.15 4.73 -5.42
N GLU B 175 28.33 5.31 -5.17
CA GLU B 175 29.21 4.84 -4.09
C GLU B 175 28.57 5.16 -2.73
N LYS B 176 28.08 6.40 -2.58
CA LYS B 176 27.41 6.81 -1.36
C LYS B 176 26.01 6.19 -1.22
N LEU B 177 25.30 5.93 -2.34
CA LEU B 177 24.00 5.24 -2.25
C LEU B 177 24.20 3.82 -1.65
N LEU B 178 25.24 3.10 -2.10
CA LEU B 178 25.54 1.78 -1.57
C LEU B 178 25.91 1.83 -0.07
N GLN B 179 26.76 2.78 0.33
CA GLN B 179 27.13 2.96 1.73
C GLN B 179 25.88 3.27 2.59
N TYR B 180 24.94 4.09 2.04
CA TYR B 180 23.71 4.46 2.71
C TYR B 180 22.81 3.23 2.94
N LEU B 181 22.62 2.39 1.90
CA LEU B 181 21.82 1.15 2.01
C LEU B 181 22.40 0.23 3.07
N TYR B 182 23.72 0.10 3.13
CA TYR B 182 24.37 -0.71 4.18
C TYR B 182 24.13 -0.14 5.57
N SER B 183 24.10 1.18 5.73
CA SER B 183 23.88 1.79 7.04
C SER B 183 22.44 1.51 7.58
N LEU B 184 21.50 1.14 6.69
CA LEU B 184 20.11 0.85 7.04
C LEU B 184 19.85 -0.67 7.18
N LYS B 185 20.72 -1.52 6.60
CA LYS B 185 20.55 -2.97 6.63
C LYS B 185 20.63 -3.49 8.06
N GLN B 186 19.72 -4.44 8.40
CA GLN B 186 19.67 -5.03 9.75
C GLN B 186 20.14 -6.49 9.72
N PRO B 187 20.68 -7.02 10.84
CA PRO B 187 21.09 -8.45 10.84
C PRO B 187 19.98 -9.44 10.49
N ASP B 188 18.69 -9.13 10.81
CA ASP B 188 17.57 -10.02 10.49
C ASP B 188 17.10 -9.98 8.99
N GLY B 189 17.74 -9.16 8.14
CA GLY B 189 17.40 -9.06 6.72
C GLY B 189 16.65 -7.82 6.30
N SER B 190 15.98 -7.17 7.26
CA SER B 190 15.19 -5.99 6.96
C SER B 190 16.06 -4.71 6.79
N PHE B 191 15.44 -3.61 6.36
CA PHE B 191 16.11 -2.33 6.22
C PHE B 191 15.33 -1.27 6.99
N LEU B 192 16.03 -0.35 7.64
CA LEU B 192 15.36 0.81 8.24
C LEU B 192 14.95 1.75 7.07
N MET B 193 13.83 2.49 7.20
CA MET B 193 13.43 3.51 6.22
C MET B 193 14.44 4.67 6.22
N HIS B 194 15.05 4.96 7.38
CA HIS B 194 16.08 6.00 7.54
C HIS B 194 16.85 5.73 8.86
N VAL B 195 17.99 6.40 9.05
CA VAL B 195 18.80 6.19 10.26
C VAL B 195 17.98 6.58 11.52
N GLY B 196 17.97 5.70 12.52
CA GLY B 196 17.15 5.91 13.70
C GLY B 196 15.64 5.88 13.39
N GLY B 197 15.27 5.21 12.30
CA GLY B 197 13.89 5.07 11.88
C GLY B 197 13.40 3.67 12.16
N GLU B 198 12.42 3.24 11.39
CA GLU B 198 11.83 1.92 11.56
C GLU B 198 11.84 1.11 10.29
N VAL B 199 11.63 -0.17 10.45
CA VAL B 199 11.58 -1.19 9.43
C VAL B 199 10.13 -1.42 8.99
N ASP B 200 9.97 -1.76 7.73
CA ASP B 200 8.74 -2.26 7.13
C ASP B 200 9.05 -2.81 5.71
N VAL B 201 8.12 -3.53 5.09
CA VAL B 201 8.37 -4.17 3.79
C VAL B 201 8.67 -3.14 2.68
N ARG B 202 8.20 -1.88 2.80
CA ARG B 202 8.48 -0.86 1.79
C ARG B 202 9.95 -0.59 1.68
N SER B 203 10.69 -0.62 2.81
CA SER B 203 12.11 -0.30 2.80
C SER B 203 12.90 -1.31 1.99
N ALA B 204 12.56 -2.61 2.10
CA ALA B 204 13.21 -3.65 1.31
C ALA B 204 12.94 -3.42 -0.17
N TYR B 205 11.72 -3.00 -0.52
CA TYR B 205 11.39 -2.71 -1.93
C TYR B 205 12.13 -1.47 -2.44
N CYS B 206 12.20 -0.40 -1.62
CA CYS B 206 12.91 0.83 -2.00
C CYS B 206 14.37 0.52 -2.28
N ALA B 207 15.02 -0.26 -1.38
CA ALA B 207 16.43 -0.61 -1.51
C ALA B 207 16.66 -1.51 -2.73
N ALA B 208 15.86 -2.59 -2.91
CA ALA B 208 16.02 -3.49 -4.05
C ALA B 208 15.77 -2.77 -5.38
N SER B 209 14.81 -1.84 -5.42
CA SER B 209 14.50 -1.08 -6.62
C SER B 209 15.69 -0.19 -7.07
N VAL B 210 16.18 0.67 -6.17
CA VAL B 210 17.28 1.57 -6.50
C VAL B 210 18.59 0.81 -6.71
N ALA B 211 18.86 -0.24 -5.91
CA ALA B 211 20.11 -0.99 -6.04
C ALA B 211 20.18 -1.78 -7.33
N SER B 212 19.05 -2.35 -7.81
CA SER B 212 19.05 -3.09 -9.07
C SER B 212 19.17 -2.13 -10.27
N LEU B 213 18.40 -1.03 -10.28
CA LEU B 213 18.44 -0.08 -11.38
C LEU B 213 19.82 0.52 -11.56
N THR B 214 20.52 0.87 -10.45
CA THR B 214 21.83 1.51 -10.51
C THR B 214 23.01 0.54 -10.48
N ASN B 215 22.76 -0.79 -10.40
CA ASN B 215 23.81 -1.80 -10.42
C ASN B 215 24.80 -1.66 -9.24
N ILE B 216 24.26 -1.61 -8.01
CA ILE B 216 25.11 -1.55 -6.81
C ILE B 216 24.86 -2.75 -5.88
N ILE B 217 24.27 -3.86 -6.40
CA ILE B 217 24.01 -5.02 -5.55
C ILE B 217 25.30 -5.82 -5.34
N THR B 218 25.77 -5.87 -4.09
CA THR B 218 26.94 -6.65 -3.72
C THR B 218 26.46 -8.06 -3.31
N PRO B 219 27.37 -9.05 -3.17
CA PRO B 219 26.92 -10.41 -2.80
C PRO B 219 26.11 -10.54 -1.49
N ASP B 220 26.40 -9.73 -0.47
CA ASP B 220 25.68 -9.84 0.82
C ASP B 220 24.72 -8.67 1.16
N LEU B 221 24.52 -7.68 0.27
CA LEU B 221 23.61 -6.57 0.57
C LEU B 221 22.19 -7.05 0.99
N PHE B 222 21.61 -8.01 0.26
CA PHE B 222 20.27 -8.49 0.56
C PHE B 222 20.25 -9.84 1.23
N GLU B 223 21.28 -10.15 2.02
CA GLU B 223 21.34 -11.41 2.75
C GLU B 223 20.23 -11.41 3.82
N GLY B 224 19.37 -12.42 3.79
CA GLY B 224 18.26 -12.54 4.72
C GLY B 224 17.02 -11.74 4.36
N THR B 225 17.13 -10.81 3.39
CA THR B 225 16.00 -9.97 3.04
C THR B 225 14.78 -10.76 2.53
N ALA B 226 14.98 -11.72 1.61
CA ALA B 226 13.87 -12.51 1.10
C ALA B 226 13.13 -13.26 2.22
N GLU B 227 13.90 -13.85 3.14
CA GLU B 227 13.36 -14.61 4.26
C GLU B 227 12.57 -13.68 5.23
N TRP B 228 13.04 -12.43 5.45
CA TRP B 228 12.35 -11.47 6.28
C TRP B 228 11.02 -11.05 5.60
N ILE B 229 11.03 -10.78 4.27
CA ILE B 229 9.80 -10.42 3.55
C ILE B 229 8.80 -11.57 3.66
N ALA B 230 9.25 -12.83 3.50
CA ALA B 230 8.38 -14.01 3.59
C ALA B 230 7.67 -14.11 4.96
N ARG B 231 8.35 -13.72 6.05
CA ARG B 231 7.73 -13.71 7.37
C ARG B 231 6.53 -12.73 7.43
N CYS B 232 6.46 -11.72 6.54
CA CYS B 232 5.35 -10.77 6.50
C CYS B 232 4.11 -11.34 5.79
N GLN B 233 4.20 -12.52 5.12
CA GLN B 233 3.01 -13.12 4.52
C GLN B 233 2.26 -13.78 5.67
N ASN B 234 0.95 -13.51 5.79
CA ASN B 234 0.15 -14.01 6.91
C ASN B 234 -0.94 -15.03 6.44
N TRP B 235 -1.77 -15.51 7.41
CA TRP B 235 -2.90 -16.43 7.24
C TRP B 235 -3.85 -16.10 6.10
N GLU B 236 -3.94 -14.82 5.71
CA GLU B 236 -4.83 -14.36 4.63
C GLU B 236 -4.26 -14.64 3.23
N GLY B 237 -2.94 -14.78 3.09
CA GLY B 237 -2.31 -14.96 1.78
C GLY B 237 -1.54 -13.73 1.34
N GLY B 238 -1.98 -12.54 1.79
CA GLY B 238 -1.29 -11.30 1.48
C GLY B 238 -0.17 -11.01 2.47
N ILE B 239 0.44 -9.82 2.35
CA ILE B 239 1.58 -9.41 3.15
C ILE B 239 1.27 -8.12 3.94
N GLY B 240 1.72 -8.09 5.20
CA GLY B 240 1.62 -6.92 6.06
C GLY B 240 2.91 -6.11 6.08
N GLY B 241 2.85 -4.92 6.66
CA GLY B 241 4.00 -4.04 6.76
C GLY B 241 5.19 -4.66 7.49
N VAL B 242 4.92 -5.40 8.56
CA VAL B 242 5.89 -6.14 9.37
C VAL B 242 5.23 -7.47 9.76
N PRO B 243 5.98 -8.48 10.23
CA PRO B 243 5.32 -9.74 10.66
C PRO B 243 4.23 -9.53 11.74
N GLY B 244 3.12 -10.24 11.60
CA GLY B 244 1.97 -10.17 12.49
C GLY B 244 0.85 -9.28 11.94
N MET B 245 1.20 -8.31 11.07
CA MET B 245 0.24 -7.35 10.55
C MET B 245 -0.70 -7.86 9.45
N GLU B 246 -1.89 -7.25 9.44
CA GLU B 246 -2.96 -7.53 8.48
C GLU B 246 -2.45 -7.34 7.05
N ALA B 247 -2.90 -8.19 6.12
CA ALA B 247 -2.49 -8.13 4.73
C ALA B 247 -3.00 -6.83 4.10
N HIS B 248 -2.11 -6.14 3.38
CA HIS B 248 -2.37 -4.82 2.81
C HIS B 248 -1.78 -4.76 1.40
N GLY B 249 -2.58 -4.26 0.44
CA GLY B 249 -2.20 -4.19 -0.96
C GLY B 249 -0.90 -3.46 -1.29
N GLY B 250 -0.67 -2.32 -0.66
CA GLY B 250 0.56 -1.55 -0.89
C GLY B 250 1.79 -2.30 -0.42
N TYR B 251 1.72 -2.88 0.78
CA TYR B 251 2.82 -3.67 1.32
C TYR B 251 2.98 -4.98 0.59
N THR B 252 1.89 -5.56 0.06
CA THR B 252 1.95 -6.80 -0.71
C THR B 252 2.67 -6.51 -2.01
N PHE B 253 2.32 -5.38 -2.70
CA PHE B 253 3.02 -4.98 -3.91
C PHE B 253 4.54 -4.89 -3.64
N CYS B 254 4.91 -4.13 -2.60
CA CYS B 254 6.30 -3.93 -2.19
C CYS B 254 7.00 -5.25 -1.93
N GLY B 255 6.33 -6.16 -1.22
CA GLY B 255 6.86 -7.47 -0.88
C GLY B 255 7.15 -8.34 -2.07
N LEU B 256 6.14 -8.55 -2.94
CA LEU B 256 6.33 -9.37 -4.11
C LEU B 256 7.30 -8.72 -5.12
N ALA B 257 7.20 -7.39 -5.37
CA ALA B 257 8.12 -6.75 -6.32
C ALA B 257 9.58 -6.85 -5.86
N ALA B 258 9.84 -6.71 -4.55
CA ALA B 258 11.20 -6.86 -4.00
C ALA B 258 11.71 -8.29 -4.23
N LEU B 259 10.84 -9.32 -4.03
CA LEU B 259 11.21 -10.71 -4.25
C LEU B 259 11.40 -11.02 -5.73
N VAL B 260 10.68 -10.37 -6.64
CA VAL B 260 10.89 -10.54 -8.07
C VAL B 260 12.28 -9.99 -8.44
N ILE B 261 12.69 -8.81 -7.90
CA ILE B 261 14.02 -8.23 -8.14
C ILE B 261 15.10 -9.20 -7.67
N LEU B 262 14.96 -9.76 -6.46
CA LEU B 262 15.93 -10.70 -5.89
C LEU B 262 15.79 -12.13 -6.45
N LYS B 263 14.77 -12.42 -7.28
CA LYS B 263 14.52 -13.74 -7.85
C LYS B 263 14.24 -14.76 -6.75
N LYS B 264 13.51 -14.33 -5.72
CA LYS B 264 13.18 -15.20 -4.58
C LYS B 264 11.67 -15.26 -4.36
N GLU B 265 10.85 -15.12 -5.43
CA GLU B 265 9.38 -15.17 -5.35
C GLU B 265 8.89 -16.46 -4.73
N ARG B 266 9.60 -17.58 -4.99
CA ARG B 266 9.20 -18.87 -4.44
C ARG B 266 9.40 -18.96 -2.91
N SER B 267 9.91 -17.91 -2.25
CA SER B 267 9.92 -17.88 -0.78
C SER B 267 8.47 -17.70 -0.23
N LEU B 268 7.51 -17.24 -1.06
CA LEU B 268 6.13 -17.04 -0.68
C LEU B 268 5.26 -18.20 -1.13
N ASN B 269 4.08 -18.35 -0.51
CA ASN B 269 3.06 -19.25 -0.97
C ASN B 269 2.35 -18.40 -2.04
N LEU B 270 2.68 -18.64 -3.31
CA LEU B 270 2.14 -17.83 -4.41
C LEU B 270 0.67 -18.12 -4.69
N LYS B 271 0.15 -19.30 -4.32
CA LYS B 271 -1.24 -19.63 -4.56
C LYS B 271 -2.17 -18.95 -3.54
N SER B 272 -1.79 -18.90 -2.25
CA SER B 272 -2.59 -18.19 -1.26
C SER B 272 -2.49 -16.66 -1.51
N LEU B 273 -1.36 -16.18 -2.04
CA LEU B 273 -1.22 -14.79 -2.42
C LEU B 273 -2.11 -14.48 -3.65
N LEU B 274 -2.12 -15.37 -4.66
CA LEU B 274 -2.98 -15.20 -5.83
C LEU B 274 -4.47 -15.16 -5.43
N GLN B 275 -4.89 -16.08 -4.55
CA GLN B 275 -6.28 -16.09 -4.10
C GLN B 275 -6.63 -14.81 -3.30
N TRP B 276 -5.71 -14.31 -2.47
CA TRP B 276 -5.96 -13.10 -1.70
C TRP B 276 -6.11 -11.88 -2.61
N VAL B 277 -5.16 -11.62 -3.53
CA VAL B 277 -5.26 -10.41 -4.36
C VAL B 277 -6.50 -10.45 -5.27
N THR B 278 -6.80 -11.59 -5.91
CA THR B 278 -7.99 -11.68 -6.77
C THR B 278 -9.29 -11.39 -5.98
N SER B 279 -9.30 -11.70 -4.67
CA SER B 279 -10.45 -11.44 -3.81
C SER B 279 -10.62 -9.95 -3.44
N ARG B 280 -9.58 -9.13 -3.64
CA ARG B 280 -9.61 -7.71 -3.32
C ARG B 280 -10.35 -6.87 -4.38
N GLN B 281 -10.66 -7.46 -5.57
CA GLN B 281 -11.42 -6.72 -6.56
C GLN B 281 -12.90 -6.77 -6.11
N MET B 282 -13.56 -5.61 -6.12
CA MET B 282 -14.92 -5.44 -5.65
C MET B 282 -15.87 -5.87 -6.75
N ARG B 283 -16.75 -6.85 -6.45
CA ARG B 283 -17.71 -7.37 -7.43
C ARG B 283 -18.63 -6.28 -8.01
N PHE B 284 -19.05 -5.30 -7.19
CA PHE B 284 -19.93 -4.24 -7.65
C PHE B 284 -19.18 -3.04 -8.28
N GLU B 285 -18.23 -2.44 -7.56
CA GLU B 285 -17.53 -1.25 -8.04
C GLU B 285 -16.58 -1.51 -9.20
N GLY B 286 -15.92 -2.68 -9.23
CA GLY B 286 -14.94 -3.01 -10.26
C GLY B 286 -13.52 -2.65 -9.86
N GLY B 287 -13.37 -1.68 -8.95
CA GLY B 287 -12.05 -1.29 -8.46
C GLY B 287 -11.54 -2.24 -7.39
N PHE B 288 -10.44 -1.88 -6.75
CA PHE B 288 -9.85 -2.71 -5.71
C PHE B 288 -9.86 -2.04 -4.34
N GLN B 289 -9.97 -2.87 -3.31
CA GLN B 289 -9.84 -2.46 -1.91
C GLN B 289 -8.38 -2.83 -1.48
N GLY B 290 -7.86 -2.13 -0.48
CA GLY B 290 -6.52 -2.34 0.04
C GLY B 290 -6.42 -3.49 1.01
N ARG B 291 -7.50 -3.77 1.73
CA ARG B 291 -7.58 -4.82 2.75
C ARG B 291 -8.96 -5.45 2.68
N CYS B 292 -9.12 -6.69 3.19
CA CYS B 292 -10.44 -7.33 3.23
C CYS B 292 -11.44 -6.49 4.07
N ASN B 293 -12.69 -6.34 3.55
CA ASN B 293 -13.79 -5.62 4.21
C ASN B 293 -13.54 -4.10 4.39
N LYS B 294 -12.72 -3.52 3.50
CA LYS B 294 -12.52 -2.07 3.47
C LYS B 294 -13.08 -1.52 2.14
N LEU B 295 -13.09 -0.19 2.01
CA LEU B 295 -13.68 0.44 0.84
C LEU B 295 -12.80 0.38 -0.40
N VAL B 296 -13.44 0.49 -1.58
CA VAL B 296 -12.75 0.57 -2.86
C VAL B 296 -11.90 1.84 -2.86
N ASP B 297 -10.78 1.83 -3.59
CA ASP B 297 -9.95 3.02 -3.68
C ASP B 297 -9.07 2.96 -4.93
N GLY B 298 -9.18 4.00 -5.76
CA GLY B 298 -8.46 4.14 -7.02
C GLY B 298 -6.97 3.87 -6.99
N CYS B 299 -6.26 4.27 -5.90
CA CYS B 299 -4.80 4.02 -5.85
C CYS B 299 -4.49 2.52 -5.83
N TYR B 300 -5.36 1.69 -5.21
CA TYR B 300 -5.13 0.25 -5.22
C TYR B 300 -5.36 -0.38 -6.59
N SER B 301 -5.75 0.41 -7.62
CA SER B 301 -5.79 -0.06 -8.99
C SER B 301 -4.37 -0.46 -9.40
N PHE B 302 -3.32 0.24 -8.89
CA PHE B 302 -1.96 -0.14 -9.19
C PHE B 302 -1.46 -1.18 -8.16
N TRP B 303 -1.48 -0.85 -6.86
CA TRP B 303 -0.91 -1.73 -5.83
C TRP B 303 -1.45 -3.15 -5.91
N GLN B 304 -2.78 -3.30 -6.10
CA GLN B 304 -3.38 -4.63 -6.20
C GLN B 304 -3.31 -5.23 -7.64
N ALA B 305 -3.78 -4.51 -8.69
CA ALA B 305 -3.75 -5.06 -10.05
C ALA B 305 -2.33 -5.29 -10.53
N GLY B 306 -1.36 -4.49 -10.08
CA GLY B 306 0.05 -4.65 -10.41
C GLY B 306 0.65 -5.97 -9.93
N LEU B 307 0.01 -6.60 -8.93
CA LEU B 307 0.45 -7.92 -8.46
C LEU B 307 0.15 -9.04 -9.47
N LEU B 308 -0.90 -8.92 -10.32
CA LEU B 308 -1.23 -10.00 -11.25
C LEU B 308 -0.13 -10.22 -12.34
N PRO B 309 0.44 -9.18 -12.97
CA PRO B 309 1.58 -9.41 -13.87
C PRO B 309 2.80 -10.02 -13.15
N LEU B 310 3.06 -9.62 -11.91
CA LEU B 310 4.18 -10.19 -11.13
C LEU B 310 3.92 -11.68 -10.83
N LEU B 311 2.66 -12.03 -10.49
CA LEU B 311 2.32 -13.42 -10.20
C LEU B 311 2.35 -14.25 -11.47
N HIS B 312 1.87 -13.69 -12.60
CA HIS B 312 1.88 -14.36 -13.90
C HIS B 312 3.32 -14.72 -14.29
N ARG B 313 4.25 -13.77 -14.12
CA ARG B 313 5.67 -13.97 -14.43
C ARG B 313 6.28 -15.03 -13.47
N ALA B 314 5.98 -14.96 -12.17
CA ALA B 314 6.49 -15.94 -11.21
C ALA B 314 6.01 -17.35 -11.55
N LEU B 315 4.70 -17.55 -11.82
CA LEU B 315 4.17 -18.86 -12.15
C LEU B 315 4.66 -19.34 -13.52
N HIS B 316 4.85 -18.41 -14.47
CA HIS B 316 5.35 -18.75 -15.80
C HIS B 316 6.78 -19.29 -15.69
N ALA B 317 7.61 -18.69 -14.80
CA ALA B 317 8.98 -19.13 -14.58
C ALA B 317 9.03 -20.58 -14.08
N GLN B 318 8.00 -21.02 -13.32
CA GLN B 318 7.88 -22.41 -12.85
C GLN B 318 7.30 -23.38 -13.91
N GLY B 319 7.02 -22.89 -15.12
CA GLY B 319 6.46 -23.70 -16.18
C GLY B 319 4.98 -24.02 -16.02
N ASP B 320 4.21 -23.14 -15.34
CA ASP B 320 2.77 -23.35 -15.13
C ASP B 320 2.06 -23.40 -16.49
N PRO B 321 1.44 -24.53 -16.88
CA PRO B 321 0.78 -24.59 -18.19
C PRO B 321 -0.68 -24.09 -18.24
N ALA B 322 -1.27 -23.73 -17.10
CA ALA B 322 -2.67 -23.29 -17.04
C ALA B 322 -2.84 -21.77 -17.19
N LEU B 323 -1.76 -20.98 -17.31
CA LEU B 323 -1.87 -19.52 -17.39
C LEU B 323 -2.53 -19.06 -18.67
N SER B 324 -3.20 -17.89 -18.61
CA SER B 324 -3.85 -17.32 -19.78
C SER B 324 -2.77 -16.80 -20.74
N MET B 325 -3.06 -16.86 -22.04
CA MET B 325 -2.16 -16.31 -23.06
C MET B 325 -2.70 -14.97 -23.61
N SER B 326 -3.69 -14.33 -22.94
CA SER B 326 -4.27 -13.07 -23.40
C SER B 326 -4.68 -12.08 -22.30
N HIS B 327 -4.92 -12.53 -21.04
CA HIS B 327 -5.44 -11.67 -19.99
C HIS B 327 -4.78 -11.90 -18.62
N TRP B 328 -4.80 -10.86 -17.76
CA TRP B 328 -4.33 -10.98 -16.37
C TRP B 328 -5.46 -11.68 -15.56
N MET B 329 -5.14 -12.22 -14.37
CA MET B 329 -6.15 -12.86 -13.53
C MET B 329 -6.92 -11.88 -12.68
N PHE B 330 -7.49 -10.87 -13.32
CA PHE B 330 -8.40 -9.91 -12.71
C PHE B 330 -9.32 -9.38 -13.80
N HIS B 331 -10.47 -8.79 -13.44
CA HIS B 331 -11.42 -8.30 -14.44
C HIS B 331 -10.88 -6.97 -14.98
N GLN B 332 -10.08 -7.06 -16.06
CA GLN B 332 -9.47 -5.87 -16.67
C GLN B 332 -10.50 -4.83 -17.09
N GLN B 333 -11.58 -5.27 -17.73
CA GLN B 333 -12.66 -4.39 -18.19
C GLN B 333 -13.31 -3.62 -17.02
N ALA B 334 -13.72 -4.33 -15.96
CA ALA B 334 -14.37 -3.68 -14.83
C ALA B 334 -13.45 -2.70 -14.09
N LEU B 335 -12.13 -2.97 -14.04
CA LEU B 335 -11.20 -2.02 -13.40
C LEU B 335 -11.15 -0.73 -14.25
N GLN B 336 -11.04 -0.87 -15.57
CA GLN B 336 -11.00 0.30 -16.46
C GLN B 336 -12.27 1.16 -16.37
N GLU B 337 -13.44 0.51 -16.23
CA GLU B 337 -14.73 1.20 -16.09
C GLU B 337 -14.80 1.93 -14.77
N TYR B 338 -14.29 1.34 -13.68
CA TYR B 338 -14.26 2.05 -12.38
C TYR B 338 -13.37 3.30 -12.49
N ILE B 339 -12.15 3.17 -13.01
CA ILE B 339 -11.23 4.31 -13.15
C ILE B 339 -11.83 5.41 -14.07
N LEU B 340 -12.28 5.03 -15.29
CA LEU B 340 -12.80 6.00 -16.25
C LEU B 340 -14.11 6.67 -15.84
N MET B 341 -15.04 5.93 -15.21
CA MET B 341 -16.33 6.52 -14.79
C MET B 341 -16.32 7.11 -13.37
N CYS B 342 -15.53 6.58 -12.42
CA CYS B 342 -15.59 7.06 -11.03
C CYS B 342 -14.36 7.79 -10.50
N CYS B 343 -13.21 7.78 -11.19
CA CYS B 343 -11.99 8.37 -10.61
C CYS B 343 -11.45 9.61 -11.31
N GLN B 344 -12.08 10.14 -12.37
CA GLN B 344 -11.56 11.34 -13.02
C GLN B 344 -12.19 12.60 -12.42
N CYS B 345 -11.37 13.61 -12.09
CA CYS B 345 -11.88 14.90 -11.65
C CYS B 345 -12.23 15.66 -12.96
N PRO B 346 -13.41 16.32 -13.09
CA PRO B 346 -13.71 17.05 -14.34
C PRO B 346 -12.69 18.15 -14.70
N ALA B 347 -12.04 18.77 -13.70
CA ALA B 347 -11.02 19.79 -13.94
C ALA B 347 -9.61 19.20 -14.23
N GLY B 348 -9.45 17.87 -14.22
CA GLY B 348 -8.14 17.24 -14.42
C GLY B 348 -7.66 16.59 -13.13
N GLY B 349 -6.84 15.57 -13.27
CA GLY B 349 -6.37 14.79 -12.13
C GLY B 349 -7.34 13.67 -11.79
N LEU B 350 -6.84 12.62 -11.11
CA LEU B 350 -7.68 11.47 -10.73
C LEU B 350 -7.76 11.33 -9.18
N LEU B 351 -8.67 10.47 -8.72
CA LEU B 351 -9.00 10.37 -7.33
C LEU B 351 -9.36 8.96 -6.83
N ASP B 352 -9.42 8.87 -5.48
CA ASP B 352 -9.76 7.66 -4.72
C ASP B 352 -11.13 7.13 -5.19
N LYS B 353 -12.19 7.91 -4.99
CA LYS B 353 -13.56 7.54 -5.37
C LYS B 353 -14.41 8.82 -5.54
N PRO B 354 -15.65 8.75 -6.09
CA PRO B 354 -16.45 9.98 -6.24
C PRO B 354 -16.69 10.70 -4.90
N GLY B 355 -16.60 12.01 -4.93
CA GLY B 355 -16.76 12.83 -3.73
C GLY B 355 -15.43 13.21 -3.08
N LYS B 356 -14.31 12.55 -3.47
CA LYS B 356 -12.98 12.82 -2.92
C LYS B 356 -12.26 13.89 -3.76
N SER B 357 -11.26 14.56 -3.17
CA SER B 357 -10.48 15.58 -3.88
C SER B 357 -9.34 14.93 -4.68
N ARG B 358 -8.98 15.57 -5.80
CA ARG B 358 -7.90 15.08 -6.63
C ARG B 358 -6.56 15.33 -5.94
N ASP B 359 -5.53 14.58 -6.32
CA ASP B 359 -4.16 14.78 -5.86
C ASP B 359 -3.18 14.09 -6.83
N PHE B 360 -1.89 14.45 -6.79
CA PHE B 360 -0.91 13.85 -7.70
C PHE B 360 -0.62 12.36 -7.39
N TYR B 361 -0.83 11.93 -6.14
CA TYR B 361 -0.66 10.54 -5.73
C TYR B 361 -1.70 9.64 -6.47
N HIS B 362 -2.99 9.98 -6.38
CA HIS B 362 -4.04 9.23 -7.05
C HIS B 362 -3.97 9.42 -8.57
N THR B 363 -3.47 10.56 -9.08
CA THR B 363 -3.32 10.72 -10.53
C THR B 363 -2.29 9.68 -11.05
N CYS B 364 -1.17 9.53 -10.32
CA CYS B 364 -0.14 8.56 -10.66
C CYS B 364 -0.67 7.12 -10.66
N TYR B 365 -1.22 6.64 -9.54
CA TYR B 365 -1.61 5.24 -9.39
C TYR B 365 -2.93 4.84 -10.09
N CYS B 366 -3.89 5.77 -10.31
CA CYS B 366 -5.09 5.45 -11.10
C CYS B 366 -4.66 5.20 -12.54
N LEU B 367 -3.80 6.09 -13.09
CA LEU B 367 -3.31 5.93 -14.46
C LEU B 367 -2.37 4.71 -14.59
N SER B 368 -1.56 4.39 -13.55
CA SER B 368 -0.69 3.20 -13.61
C SER B 368 -1.53 1.92 -13.62
N GLY B 369 -2.56 1.87 -12.79
CA GLY B 369 -3.48 0.75 -12.75
C GLY B 369 -4.23 0.60 -14.06
N LEU B 370 -4.66 1.72 -14.67
CA LEU B 370 -5.35 1.69 -15.96
C LEU B 370 -4.45 1.09 -17.03
N SER B 371 -3.15 1.46 -17.04
CA SER B 371 -2.20 0.93 -18.00
C SER B 371 -1.97 -0.57 -17.83
N ILE B 372 -1.89 -1.08 -16.59
CA ILE B 372 -1.78 -2.54 -16.37
C ILE B 372 -3.07 -3.25 -16.87
N ALA B 373 -4.24 -2.64 -16.65
CA ALA B 373 -5.50 -3.22 -17.08
C ALA B 373 -5.64 -3.25 -18.60
N GLN B 374 -4.94 -2.38 -19.33
CA GLN B 374 -5.03 -2.36 -20.79
C GLN B 374 -4.02 -3.31 -21.45
N HIS B 375 -2.81 -3.47 -20.88
CA HIS B 375 -1.74 -4.23 -21.54
C HIS B 375 -1.34 -5.55 -20.90
N PHE B 376 -1.61 -6.66 -21.61
CA PHE B 376 -1.17 -8.00 -21.19
C PHE B 376 0.04 -8.41 -22.05
N GLY B 377 0.98 -9.12 -21.43
CA GLY B 377 2.16 -9.61 -22.13
C GLY B 377 2.82 -10.73 -21.37
N SER B 378 3.13 -11.84 -22.08
CA SER B 378 3.82 -13.00 -21.51
C SER B 378 4.46 -13.80 -22.65
N GLY B 379 5.79 -13.83 -22.68
CA GLY B 379 6.53 -14.52 -23.72
C GLY B 379 6.29 -13.84 -25.05
N ALA B 380 5.93 -14.60 -26.09
CA ALA B 380 5.64 -14.03 -27.40
C ALA B 380 4.16 -13.56 -27.55
N MET B 381 3.36 -13.57 -26.46
CA MET B 381 1.95 -13.21 -26.52
C MET B 381 1.67 -11.82 -25.97
N LEU B 382 0.97 -10.99 -26.75
CA LEU B 382 0.57 -9.63 -26.37
C LEU B 382 -0.91 -9.47 -26.70
N HIS B 383 -1.68 -8.86 -25.79
CA HIS B 383 -3.11 -8.63 -26.02
C HIS B 383 -3.58 -7.43 -25.23
N ASP B 384 -4.13 -6.43 -25.93
CA ASP B 384 -4.63 -5.19 -25.31
C ASP B 384 -6.14 -5.19 -25.18
N VAL B 385 -6.66 -4.55 -24.11
CA VAL B 385 -8.08 -4.35 -23.86
C VAL B 385 -8.20 -2.86 -23.58
N VAL B 386 -8.73 -2.07 -24.51
CA VAL B 386 -8.86 -0.63 -24.31
C VAL B 386 -10.33 -0.29 -24.24
N MET B 387 -10.87 -0.13 -23.03
CA MET B 387 -12.28 0.24 -22.88
C MET B 387 -12.46 1.72 -23.25
N GLY B 388 -13.61 2.04 -23.83
CA GLY B 388 -13.95 3.39 -24.23
C GLY B 388 -13.36 3.75 -25.58
N VAL B 389 -13.15 5.04 -25.84
CA VAL B 389 -12.58 5.48 -27.13
C VAL B 389 -11.15 4.95 -27.31
N PRO B 390 -10.72 4.58 -28.54
CA PRO B 390 -9.35 4.04 -28.71
C PRO B 390 -8.24 4.94 -28.17
N GLU B 391 -8.47 6.27 -28.12
CA GLU B 391 -7.49 7.22 -27.61
C GLU B 391 -7.22 7.06 -26.10
N ASN B 392 -8.00 6.24 -25.39
CA ASN B 392 -7.77 5.99 -23.97
C ASN B 392 -6.49 5.15 -23.69
N VAL B 393 -5.90 4.52 -24.75
CA VAL B 393 -4.73 3.67 -24.56
C VAL B 393 -3.53 4.45 -24.01
N LEU B 394 -2.99 4.00 -22.88
CA LEU B 394 -1.84 4.61 -22.23
C LEU B 394 -0.54 3.91 -22.66
N GLN B 395 0.60 4.55 -22.36
CA GLN B 395 1.90 3.92 -22.59
C GLN B 395 2.08 2.81 -21.52
N PRO B 396 2.72 1.67 -21.85
CA PRO B 396 2.89 0.61 -20.84
C PRO B 396 3.73 1.02 -19.62
N THR B 397 3.56 0.30 -18.51
CA THR B 397 4.32 0.52 -17.28
C THR B 397 4.90 -0.82 -16.82
N HIS B 398 6.11 -0.78 -16.25
CA HIS B 398 6.77 -2.00 -15.81
C HIS B 398 6.15 -2.38 -14.45
N PRO B 399 5.66 -3.61 -14.27
CA PRO B 399 5.00 -3.96 -13.00
C PRO B 399 5.93 -3.99 -11.78
N VAL B 400 7.27 -4.10 -11.94
CA VAL B 400 8.18 -4.10 -10.77
C VAL B 400 8.48 -2.66 -10.29
N TYR B 401 8.90 -1.77 -11.22
CA TYR B 401 9.37 -0.42 -10.93
C TYR B 401 8.32 0.67 -11.05
N ASN B 402 7.25 0.40 -11.80
CA ASN B 402 6.21 1.37 -12.11
C ASN B 402 6.79 2.64 -12.78
N ILE B 403 7.64 2.39 -13.77
CA ILE B 403 8.18 3.35 -14.73
C ILE B 403 8.07 2.61 -16.09
N GLY B 404 8.16 3.31 -17.20
CA GLY B 404 8.07 2.70 -18.52
C GLY B 404 9.06 1.56 -18.73
N PRO B 405 8.65 0.41 -19.32
CA PRO B 405 9.62 -0.68 -19.57
C PRO B 405 10.87 -0.22 -20.36
N ASP B 406 10.71 0.74 -21.27
CA ASP B 406 11.82 1.29 -22.05
C ASP B 406 12.84 1.97 -21.11
N LYS B 407 12.34 2.71 -20.11
CA LYS B 407 13.17 3.43 -19.13
C LYS B 407 13.91 2.46 -18.21
N VAL B 408 13.29 1.31 -17.89
CA VAL B 408 13.94 0.29 -17.06
C VAL B 408 15.15 -0.27 -17.83
N ILE B 409 14.97 -0.67 -19.12
CA ILE B 409 16.05 -1.23 -19.95
C ILE B 409 17.16 -0.20 -20.18
N GLN B 410 16.80 1.06 -20.45
CA GLN B 410 17.78 2.10 -20.69
C GLN B 410 18.62 2.35 -19.43
N ALA B 411 17.98 2.39 -18.24
CA ALA B 411 18.71 2.64 -17.01
C ALA B 411 19.59 1.45 -16.65
N THR B 412 19.05 0.21 -16.71
CA THR B 412 19.83 -0.96 -16.34
C THR B 412 20.98 -1.15 -17.32
N THR B 413 20.76 -0.93 -18.62
CA THR B 413 21.84 -1.02 -19.60
C THR B 413 22.91 0.04 -19.33
N HIS B 414 22.52 1.27 -18.95
CA HIS B 414 23.50 2.34 -18.69
C HIS B 414 24.37 1.96 -17.50
N PHE B 415 23.75 1.63 -16.35
CA PHE B 415 24.49 1.32 -15.11
C PHE B 415 25.25 -0.03 -15.14
N LEU B 416 24.86 -0.98 -15.99
CA LEU B 416 25.62 -2.23 -16.14
C LEU B 416 26.99 -1.96 -16.81
N GLN B 417 27.18 -0.81 -17.48
CA GLN B 417 28.48 -0.47 -18.05
C GLN B 417 29.45 0.13 -16.99
N LYS B 418 29.03 0.23 -15.71
CA LYS B 418 29.84 0.69 -14.58
C LYS B 418 30.01 -0.49 -13.64
N PRO B 419 31.17 -0.65 -13.00
CA PRO B 419 31.32 -1.76 -12.04
C PRO B 419 30.49 -1.54 -10.78
N VAL B 420 30.18 -2.62 -10.06
CA VAL B 420 29.50 -2.50 -8.76
C VAL B 420 30.53 -1.82 -7.81
N PRO B 421 30.20 -0.71 -7.12
CA PRO B 421 31.21 -0.02 -6.30
C PRO B 421 31.88 -0.87 -5.22
N GLY B 422 33.09 -0.50 -4.87
CA GLY B 422 33.84 -1.11 -3.77
C GLY B 422 33.56 -0.38 -2.47
N PHE B 423 34.27 -0.75 -1.39
CA PHE B 423 34.10 -0.09 -0.09
C PHE B 423 35.24 0.92 0.12
N GLU B 424 34.96 2.03 0.82
CA GLU B 424 36.00 3.02 1.11
C GLU B 424 36.77 2.65 2.41
C ACE C . 10.40 27.56 3.83
O ACE C . 11.43 27.64 4.48
CH3 ACE C . 9.62 26.28 3.82
H1 ACE C . 8.61 26.49 4.06
H2 ACE C . 9.67 25.84 2.86
H3 ACE C . 10.01 25.61 4.54
C ACE D . 10.75 34.51 7.36
O ACE D . 10.24 35.27 8.17
CH3 ACE D . 10.17 34.34 5.97
H1 ACE D . 10.88 34.65 5.24
H2 ACE D . 9.93 33.33 5.83
H3 ACE D . 9.29 34.93 5.88
N 60I E . 1.34 13.18 2.84
N 60I E . 0.16 12.67 1.62
C 60I E . 0.46 11.65 -0.26
C 60I E . 3.04 12.58 3.70
O 60I E . 4.64 11.53 0.75
O 60I E . 4.34 11.62 0.60
C1 60I E . 1.12 12.09 1.00
C1 60I E . 2.03 12.40 2.62
C10 60I E . 2.17 8.86 0.82
C10 60I E . 2.10 8.76 0.74
C11 60I E . 3.98 5.64 1.76
C11 60I E . 4.04 5.65 1.75
C12 60I E . 4.76 4.72 0.87
C12 60I E . 4.78 4.72 0.84
C13 60I E . 6.41 3.91 -0.27
C13 60I E . 6.40 3.88 -0.30
C14 60I E . 7.65 3.62 -0.82
C14 60I E . 7.63 3.56 -0.87
C15 60I E . 7.71 2.81 -1.95
C15 60I E . 7.67 2.75 -1.99
C16 60I E . 6.54 2.29 -2.52
C16 60I E . 6.48 2.23 -2.53
C17 60I E . 5.30 2.57 -1.96
C17 60I E . 5.25 2.53 -1.96
C18 60I E . 5.25 3.38 -0.83
C18 60I E . 5.24 3.36 -0.85
C19 60I E . 2.77 3.66 -0.35
C19 60I E . 2.76 3.67 -0.33
C2 60I E . 2.42 11.77 1.51
C2 60I E . 2.12 11.68 1.39
C20 60I E . 2.11 2.48 0.39
C20 60I E . 2.11 2.48 0.41
C21 60I E . 1.96 2.73 1.87
C21 60I E . 1.93 2.78 1.90
C22 60I E . 0.71 2.28 -0.20
C22 60I E . 0.72 2.27 -0.19
C23 60I E . 2.90 1.18 0.18
C23 60I E . 2.90 1.20 0.25
C3 60I E . 2.48 12.50 2.69
C3 60I E . 0.89 11.90 0.79
C4 60I E . 0.91 14.09 3.90
C4 60I E . -1.19 13.22 1.45
C5 60I E . 3.57 12.59 3.70
C5 60I E . 0.35 11.45 -0.52
C6 60I E . 3.56 10.97 0.94
C6 60I E . 3.33 10.97 0.81
C7 60I E . 4.40 8.91 -0.09
C7 60I E . 4.36 8.94 -0.09
C8 60I E . 4.82 7.75 0.78
C8 60I E . 4.80 7.81 0.81
C9 60I E . 2.53 7.63 1.64
C9 60I E . 2.51 7.58 1.62
N1 60I E . 0.48 12.92 1.80
N1 60I E . 0.85 12.98 2.75
N2 60I E . 3.36 9.68 0.60
N2 60I E . 3.23 9.65 0.52
N3 60I E . 3.64 6.87 0.98
N3 60I E . 3.65 6.87 0.98
N4 60I E . 6.08 4.74 0.81
N4 60I E . 6.10 4.72 0.77
N5 60I E . 4.20 3.90 -0.09
N5 60I E . 4.21 3.89 -0.09
H2 60I E . 0.33 10.56 -0.29
H2 60I E . 3.95 13.06 3.31
H1 60I E . -0.53 12.10 -0.35
H1 60I E . 2.65 13.20 4.50
H3 60I E . 1.02 11.92 -1.14
H3 60I E . 3.36 11.64 4.14
H16 60I E . 1.39 9.38 1.37
H16 60I E . 1.25 9.25 1.23
H17 60I E . 1.71 8.58 -0.12
H17 60I E . 1.70 8.41 -0.21
H19 60I E . 4.54 5.89 2.66
H19 60I E . 4.62 5.92 2.64
H18 60I E . 3.09 5.13 2.12
H18 60I E . 3.16 5.14 2.14
H20 60I E . 8.56 4.01 -0.37
H20 60I E . 8.55 3.96 -0.44
H21 60I E . 8.66 2.58 -2.40
H21 60I E . 8.62 2.50 -2.45
H22 60I E . 6.60 1.66 -3.40
H22 60I E . 6.53 1.60 -3.40
H23 60I E . 4.39 2.15 -2.40
H23 60I E . 4.34 2.12 -2.39
H24 60I E . 2.67 3.52 -1.42
H24 60I E . 2.65 3.53 -1.40
H25 60I E . 2.21 4.57 -0.14
H25 60I E . 2.21 4.58 -0.12
H28 60I E . 2.90 2.87 2.39
H28 60I E . 2.87 2.87 2.43
H26 60I E . 1.48 1.89 2.37
H26 60I E . 1.39 1.97 2.40
H27 60I E . 1.33 3.60 2.09
H27 60I E . 1.34 3.68 2.08
H29 60I E . 0.13 1.56 0.39
H29 60I E . 0.13 1.56 0.40
H30 60I E . 0.71 1.88 -1.21
H30 60I E . 0.75 1.86 -1.20
H31 60I E . 0.14 3.20 -0.21
H31 60I E . 0.14 3.19 -0.23
H33 60I E . 3.89 1.24 0.63
H33 60I E . 3.88 1.27 0.73
H34 60I E . 3.03 0.93 -0.87
H34 60I E . 3.07 0.93 -0.79
H32 60I E . 2.40 0.34 0.65
H32 60I E . 2.39 0.35 0.72
H6 60I E . 0.91 13.58 4.86
H6 60I E . -1.22 13.88 0.57
H4 60I E . -0.10 14.46 3.73
H4 60I E . -1.50 13.81 2.30
H5 60I E . 1.59 14.95 3.96
H5 60I E . -1.91 12.41 1.30
H7 60I E . 3.33 13.13 4.61
H7 60I E . -0.72 11.57 -0.65
H8 60I E . 4.45 13.08 3.28
H8 60I E . 0.54 10.39 -0.67
H9 60I E . 3.89 11.59 4.02
H9 60I E . 0.84 11.98 -1.34
H11 60I E . 4.03 8.56 -1.05
H11 60I E . 4.06 8.56 -1.07
H10 60I E . 5.29 9.49 -0.33
H10 60I E . 5.23 9.56 -0.30
H13 60I E . 5.64 7.20 0.31
H13 60I E . 5.65 7.29 0.37
H12 60I E . 5.22 8.09 1.73
H12 60I E . 5.15 8.18 1.77
H14 60I E . 2.80 7.89 2.66
H14 60I E . 2.77 7.91 2.63
H15 60I E . 1.65 7.00 1.75
H15 60I E . 1.65 6.92 1.75
H 60I E . 3.30 6.60 0.06
H 60I E . 3.35 6.59 0.05
ZN ZN F . -5.97 5.75 -2.33
MG MG G . 10.30 8.88 11.19
O11 PPV H . -6.34 4.70 3.93
P1 PPV H . -6.79 3.81 5.06
O21 PPV H . -8.29 3.69 5.21
O31 PPV H . -6.10 4.09 6.36
OPP PPV H . -6.27 2.32 4.65
P2 PPV H . -6.68 1.53 3.29
O12 PPV H . -8.19 1.49 3.25
O22 PPV H . -6.06 0.17 3.48
O32 PPV H . -6.07 2.37 2.19
#